data_2NB9
#
_entry.id   2NB9
#
loop_
_entity.id
_entity.type
_entity.pdbx_description
1 polymer 'Uncharacterized protein'
2 non-polymer 'ZINC ION'
#
_entity_poly.entity_id   1
_entity_poly.type   'polypeptide(L)'
_entity_poly.pdbx_seq_one_letter_code
;MILTCPECASRYFVDDSKVGPDGRVVRCASCGNRWTAFKDEAELELVPR
;
_entity_poly.pdbx_strand_id   A
#
loop_
_chem_comp.id
_chem_comp.type
_chem_comp.name
_chem_comp.formula
ZN non-polymer 'ZINC ION' 'Zn 2'
#
# COMPACT_ATOMS: atom_id res chain seq x y z
N MET A 1 5.19 1.61 5.59
CA MET A 1 3.89 2.11 5.09
C MET A 1 2.75 1.30 5.70
N ILE A 2 1.51 1.79 5.58
CA ILE A 2 0.36 1.12 6.14
C ILE A 2 -0.82 1.19 5.17
N LEU A 3 -1.68 0.16 5.21
CA LEU A 3 -2.82 0.06 4.32
C LEU A 3 -4.07 -0.31 5.12
N THR A 4 -5.24 0.14 4.66
CA THR A 4 -6.51 -0.20 5.29
C THR A 4 -7.30 -1.24 4.51
N CYS A 5 -7.85 -2.24 5.21
CA CYS A 5 -8.62 -3.30 4.57
C CYS A 5 -10.03 -2.78 4.24
N PRO A 6 -10.52 -3.05 3.02
CA PRO A 6 -11.87 -2.71 2.61
C PRO A 6 -12.92 -3.48 3.43
N GLU A 7 -12.51 -4.57 4.07
CA GLU A 7 -13.44 -5.45 4.78
C GLU A 7 -13.23 -5.39 6.29
N CYS A 8 -11.98 -5.40 6.76
CA CYS A 8 -11.70 -5.35 8.19
C CYS A 8 -11.78 -3.91 8.69
N ALA A 9 -11.75 -2.94 7.77
CA ALA A 9 -11.82 -1.52 8.10
C ALA A 9 -10.75 -1.17 9.13
N SER A 10 -9.59 -1.83 9.04
CA SER A 10 -8.52 -1.69 10.01
C SER A 10 -7.18 -1.59 9.29
N ARG A 11 -6.19 -0.98 9.94
CA ARG A 11 -4.89 -0.73 9.32
C ARG A 11 -3.96 -1.94 9.49
N TYR A 12 -3.01 -2.09 8.57
CA TYR A 12 -2.00 -3.13 8.60
C TYR A 12 -0.72 -2.68 7.91
N PHE A 13 0.43 -2.94 8.54
CA PHE A 13 1.70 -2.38 8.09
C PHE A 13 2.62 -3.32 7.32
N VAL A 14 3.38 -2.75 6.38
CA VAL A 14 4.34 -3.48 5.57
C VAL A 14 5.54 -2.59 5.26
N ASP A 15 6.65 -3.20 4.84
CA ASP A 15 7.85 -2.44 4.46
C ASP A 15 7.60 -1.60 3.20
N ASP A 16 8.32 -0.49 3.08
CA ASP A 16 8.16 0.40 1.93
C ASP A 16 8.61 -0.23 0.62
N SER A 17 9.33 -1.36 0.70
CA SER A 17 9.81 -2.06 -0.48
C SER A 17 8.72 -2.94 -1.09
N LYS A 18 7.61 -3.11 -0.37
CA LYS A 18 6.51 -3.97 -0.83
C LYS A 18 5.62 -3.26 -1.85
N VAL A 19 5.82 -1.95 -2.05
CA VAL A 19 5.02 -1.16 -2.98
C VAL A 19 5.89 -0.13 -3.69
N GLY A 20 5.55 0.18 -4.94
CA GLY A 20 6.28 1.16 -5.73
C GLY A 20 5.33 2.21 -6.31
N PRO A 21 5.85 3.12 -7.13
CA PRO A 21 5.07 4.17 -7.76
C PRO A 21 4.16 3.60 -8.85
N ASP A 22 4.49 2.40 -9.35
CA ASP A 22 3.67 1.71 -10.33
C ASP A 22 2.56 0.94 -9.61
N GLY A 23 2.60 0.94 -8.28
CA GLY A 23 1.64 0.21 -7.46
C GLY A 23 1.98 -1.27 -7.38
N ARG A 24 1.39 -1.96 -6.41
CA ARG A 24 1.59 -3.39 -6.21
C ARG A 24 0.42 -3.97 -5.43
N VAL A 25 0.03 -5.20 -5.74
CA VAL A 25 -1.09 -5.85 -5.07
C VAL A 25 -0.68 -6.33 -3.67
N VAL A 26 -1.64 -6.35 -2.75
CA VAL A 26 -1.42 -6.78 -1.37
C VAL A 26 -2.52 -7.74 -0.91
N ARG A 27 -2.32 -8.36 0.26
CA ARG A 27 -3.27 -9.32 0.82
C ARG A 27 -3.47 -9.07 2.30
N CYS A 28 -4.71 -9.18 2.77
CA CYS A 28 -5.08 -8.96 4.16
C CYS A 28 -4.67 -10.14 5.02
N ALA A 29 -4.10 -9.86 6.20
CA ALA A 29 -3.74 -10.89 7.15
C ALA A 29 -4.96 -11.33 7.96
N SER A 30 -6.09 -10.60 7.85
CA SER A 30 -7.24 -10.82 8.71
C SER A 30 -8.43 -11.41 7.97
N CYS A 31 -8.47 -11.32 6.63
CA CYS A 31 -9.57 -11.89 5.87
C CYS A 31 -9.15 -12.40 4.48
N GLY A 32 -7.88 -12.19 4.10
CA GLY A 32 -7.33 -12.74 2.88
C GLY A 32 -7.76 -11.94 1.64
N ASN A 33 -8.46 -10.83 1.85
CA ASN A 33 -8.88 -9.94 0.77
C ASN A 33 -7.66 -9.37 0.06
N ARG A 34 -7.80 -9.02 -1.22
CA ARG A 34 -6.69 -8.50 -2.02
C ARG A 34 -7.11 -7.25 -2.78
N TRP A 35 -6.18 -6.31 -2.94
CA TRP A 35 -6.40 -5.09 -3.69
C TRP A 35 -5.06 -4.47 -4.06
N THR A 36 -5.06 -3.57 -5.06
CA THR A 36 -3.85 -2.86 -5.44
C THR A 36 -3.53 -1.70 -4.51
N ALA A 37 -2.25 -1.58 -4.11
CA ALA A 37 -1.78 -0.53 -3.24
C ALA A 37 -0.80 0.37 -3.99
N PHE A 38 -0.63 1.59 -3.50
CA PHE A 38 0.29 2.56 -4.08
C PHE A 38 1.15 3.28 -3.06
N LYS A 39 2.26 3.88 -3.53
CA LYS A 39 3.19 4.58 -2.67
C LYS A 39 2.86 6.07 -2.62
N ASP A 40 3.18 6.71 -1.50
CA ASP A 40 2.94 8.14 -1.31
C ASP A 40 4.00 8.73 -0.36
N GLU A 41 4.80 7.87 0.26
CA GLU A 41 5.85 8.27 1.19
C GLU A 41 6.98 9.00 0.48
N ALA A 42 7.08 8.85 -0.84
CA ALA A 42 8.16 9.43 -1.62
C ALA A 42 7.72 9.70 -3.05
N GLU A 43 6.41 9.82 -3.26
CA GLU A 43 5.84 10.07 -4.58
C GLU A 43 6.03 11.54 -4.99
N LEU A 44 6.29 12.40 -4.02
CA LEU A 44 6.46 13.83 -4.26
C LEU A 44 7.76 14.10 -5.03
N GLU A 45 7.78 15.20 -5.77
CA GLU A 45 8.97 15.61 -6.52
C GLU A 45 10.01 16.22 -5.59
N LEU A 46 11.27 16.28 -6.06
CA LEU A 46 12.39 16.85 -5.31
C LEU A 46 12.51 16.23 -3.91
N VAL A 47 12.02 15.00 -3.72
CA VAL A 47 12.10 14.31 -2.45
C VAL A 47 13.57 14.06 -2.08
N PRO A 48 13.96 14.30 -0.82
CA PRO A 48 15.34 14.14 -0.37
C PRO A 48 15.77 12.68 -0.29
N ARG A 49 14.83 11.74 -0.42
CA ARG A 49 15.13 10.32 -0.36
C ARG A 49 14.10 9.51 -1.14
ZN ZN B . -9.33 -7.81 5.82
N MET A 1 5.11 1.56 5.63
CA MET A 1 3.81 2.07 5.14
C MET A 1 2.67 1.24 5.72
N ILE A 2 1.45 1.76 5.63
CA ILE A 2 0.29 1.07 6.19
C ILE A 2 -0.90 1.19 5.24
N LEU A 3 -1.76 0.17 5.22
CA LEU A 3 -2.93 0.13 4.35
C LEU A 3 -4.16 -0.29 5.15
N THR A 4 -5.35 0.20 4.75
CA THR A 4 -6.61 -0.17 5.38
C THR A 4 -7.38 -1.22 4.60
N CYS A 5 -7.91 -2.24 5.30
CA CYS A 5 -8.67 -3.30 4.65
C CYS A 5 -10.08 -2.82 4.32
N PRO A 6 -10.56 -3.08 3.11
CA PRO A 6 -11.93 -2.77 2.70
C PRO A 6 -12.95 -3.56 3.51
N GLU A 7 -12.54 -4.66 4.16
CA GLU A 7 -13.46 -5.54 4.86
C GLU A 7 -13.25 -5.50 6.38
N CYS A 8 -11.99 -5.49 6.84
CA CYS A 8 -11.70 -5.44 8.26
C CYS A 8 -11.82 -4.01 8.79
N ALA A 9 -11.80 -3.02 7.87
CA ALA A 9 -11.89 -1.60 8.21
C ALA A 9 -10.82 -1.24 9.23
N SER A 10 -9.65 -1.89 9.12
CA SER A 10 -8.57 -1.73 10.06
C SER A 10 -7.24 -1.63 9.32
N ARG A 11 -6.24 -1.04 9.96
CA ARG A 11 -4.95 -0.80 9.34
C ARG A 11 -4.03 -2.01 9.47
N TYR A 12 -3.11 -2.16 8.52
CA TYR A 12 -2.09 -3.20 8.54
C TYR A 12 -0.80 -2.76 7.86
N PHE A 13 0.34 -3.04 8.48
CA PHE A 13 1.61 -2.48 8.05
C PHE A 13 2.53 -3.42 7.26
N VAL A 14 3.29 -2.84 6.33
CA VAL A 14 4.26 -3.55 5.50
C VAL A 14 5.45 -2.64 5.24
N ASP A 15 6.57 -3.22 4.81
CA ASP A 15 7.75 -2.44 4.45
C ASP A 15 7.51 -1.60 3.20
N ASP A 16 8.25 -0.49 3.08
CA ASP A 16 8.10 0.43 1.95
C ASP A 16 8.56 -0.20 0.63
N SER A 17 9.24 -1.34 0.70
CA SER A 17 9.74 -2.04 -0.48
C SER A 17 8.66 -2.94 -1.08
N LYS A 18 7.55 -3.15 -0.36
CA LYS A 18 6.48 -4.03 -0.81
C LYS A 18 5.57 -3.32 -1.82
N VAL A 19 5.77 -2.02 -2.01
CA VAL A 19 4.97 -1.23 -2.93
C VAL A 19 5.84 -0.19 -3.65
N GLY A 20 5.54 0.08 -4.92
CA GLY A 20 6.32 1.02 -5.72
C GLY A 20 5.42 2.10 -6.33
N PRO A 21 6.02 3.00 -7.12
CA PRO A 21 5.32 4.10 -7.76
C PRO A 21 4.44 3.58 -8.91
N ASP A 22 4.74 2.36 -9.38
CA ASP A 22 3.94 1.69 -10.40
C ASP A 22 2.80 0.88 -9.80
N GLY A 23 2.69 0.89 -8.47
CA GLY A 23 1.65 0.17 -7.76
C GLY A 23 2.01 -1.30 -7.57
N ARG A 24 1.41 -1.93 -6.55
CA ARG A 24 1.66 -3.33 -6.24
C ARG A 24 0.47 -3.86 -5.42
N VAL A 25 -0.01 -5.06 -5.76
CA VAL A 25 -1.13 -5.67 -5.06
C VAL A 25 -0.73 -6.13 -3.65
N VAL A 26 -1.68 -6.15 -2.72
CA VAL A 26 -1.45 -6.58 -1.34
C VAL A 26 -2.52 -7.56 -0.88
N ARG A 27 -2.31 -8.17 0.29
CA ARG A 27 -3.23 -9.15 0.85
C ARG A 27 -3.42 -8.93 2.34
N CYS A 28 -4.66 -9.09 2.80
CA CYS A 28 -5.03 -8.90 4.19
C CYS A 28 -4.60 -10.09 5.04
N ALA A 29 -4.03 -9.82 6.21
CA ALA A 29 -3.65 -10.86 7.15
C ALA A 29 -4.85 -11.33 7.97
N SER A 30 -5.99 -10.63 7.86
CA SER A 30 -7.13 -10.87 8.73
C SER A 30 -8.33 -11.46 7.99
N CYS A 31 -8.39 -11.34 6.66
CA CYS A 31 -9.48 -11.93 5.89
C CYS A 31 -9.05 -12.41 4.50
N GLY A 32 -7.78 -12.18 4.13
CA GLY A 32 -7.24 -12.71 2.88
C GLY A 32 -7.67 -11.90 1.66
N ASN A 33 -8.42 -10.82 1.89
CA ASN A 33 -8.84 -9.92 0.82
C ASN A 33 -7.63 -9.31 0.13
N ARG A 34 -7.77 -8.94 -1.14
CA ARG A 34 -6.68 -8.40 -1.93
C ARG A 34 -7.12 -7.18 -2.73
N TRP A 35 -6.21 -6.21 -2.88
CA TRP A 35 -6.47 -5.00 -3.65
C TRP A 35 -5.14 -4.36 -4.03
N THR A 36 -5.16 -3.49 -5.05
CA THR A 36 -3.96 -2.78 -5.47
C THR A 36 -3.58 -1.62 -4.55
N ALA A 37 -2.28 -1.49 -4.25
CA ALA A 37 -1.77 -0.40 -3.44
C ALA A 37 -0.73 0.39 -4.24
N PHE A 38 -0.38 1.59 -3.76
CA PHE A 38 0.60 2.42 -4.42
C PHE A 38 1.42 3.29 -3.47
N LYS A 39 2.66 3.61 -3.86
CA LYS A 39 3.54 4.46 -3.05
C LYS A 39 3.05 5.90 -3.11
N ASP A 40 3.43 6.71 -2.11
CA ASP A 40 2.98 8.09 -2.01
C ASP A 40 4.18 9.04 -2.13
N GLU A 41 5.39 8.52 -1.93
CA GLU A 41 6.61 9.29 -2.06
C GLU A 41 6.87 9.60 -3.53
N ALA A 42 6.33 8.76 -4.43
CA ALA A 42 6.50 8.90 -5.86
C ALA A 42 5.40 8.13 -6.58
N GLU A 43 5.19 8.43 -7.86
CA GLU A 43 4.16 7.78 -8.67
C GLU A 43 4.60 7.73 -10.13
N LEU A 44 4.19 6.67 -10.84
CA LEU A 44 4.54 6.49 -12.24
C LEU A 44 3.88 7.56 -13.10
N GLU A 45 4.56 7.98 -14.17
CA GLU A 45 4.05 9.04 -15.05
C GLU A 45 2.84 8.56 -15.83
N LEU A 46 2.02 9.49 -16.31
CA LEU A 46 0.83 9.18 -17.08
C LEU A 46 1.22 8.56 -18.43
N VAL A 47 0.40 7.64 -18.93
CA VAL A 47 0.65 6.96 -20.20
C VAL A 47 0.59 7.93 -21.38
N PRO A 48 1.33 7.66 -22.46
CA PRO A 48 1.35 8.49 -23.65
C PRO A 48 0.01 8.41 -24.39
N ARG A 49 -0.24 9.39 -25.26
CA ARG A 49 -1.47 9.46 -26.04
C ARG A 49 -1.24 10.24 -27.33
ZN ZN B . -9.30 -7.83 5.89
N MET A 1 5.18 1.55 5.71
CA MET A 1 3.89 2.08 5.22
C MET A 1 2.74 1.25 5.77
N ILE A 2 1.51 1.77 5.67
CA ILE A 2 0.35 1.09 6.22
C ILE A 2 -0.84 1.22 5.25
N LEU A 3 -1.71 0.21 5.25
CA LEU A 3 -2.88 0.17 4.37
C LEU A 3 -4.12 -0.21 5.18
N THR A 4 -5.28 0.29 4.76
CA THR A 4 -6.56 -0.09 5.36
C THR A 4 -7.30 -1.17 4.58
N CYS A 5 -7.83 -2.17 5.30
CA CYS A 5 -8.57 -3.24 4.66
C CYS A 5 -9.99 -2.76 4.32
N PRO A 6 -10.46 -3.03 3.08
CA PRO A 6 -11.81 -2.72 2.66
C PRO A 6 -12.86 -3.49 3.48
N GLU A 7 -12.44 -4.56 4.16
CA GLU A 7 -13.37 -5.43 4.86
C GLU A 7 -13.17 -5.38 6.37
N CYS A 8 -11.93 -5.39 6.85
CA CYS A 8 -11.65 -5.33 8.28
C CYS A 8 -11.77 -3.89 8.78
N ALA A 9 -11.75 -2.92 7.86
CA ALA A 9 -11.82 -1.50 8.19
C ALA A 9 -10.76 -1.15 9.24
N SER A 10 -9.60 -1.79 9.13
CA SER A 10 -8.53 -1.66 10.10
C SER A 10 -7.18 -1.55 9.40
N ARG A 11 -6.16 -1.06 10.11
CA ARG A 11 -4.86 -0.80 9.52
C ARG A 11 -4.00 -2.06 9.53
N TYR A 12 -3.08 -2.14 8.56
CA TYR A 12 -2.11 -3.22 8.48
C TYR A 12 -0.82 -2.76 7.79
N PHE A 13 0.32 -3.07 8.41
CA PHE A 13 1.60 -2.50 7.98
C PHE A 13 2.52 -3.44 7.19
N VAL A 14 3.30 -2.85 6.29
CA VAL A 14 4.28 -3.55 5.48
C VAL A 14 5.48 -2.65 5.22
N ASP A 15 6.60 -3.24 4.81
CA ASP A 15 7.80 -2.47 4.49
C ASP A 15 7.59 -1.58 3.26
N ASP A 16 8.34 -0.48 3.18
CA ASP A 16 8.21 0.46 2.07
C ASP A 16 8.68 -0.13 0.74
N SER A 17 9.32 -1.30 0.79
CA SER A 17 9.83 -1.96 -0.41
C SER A 17 8.76 -2.86 -1.04
N LYS A 18 7.64 -3.09 -0.33
CA LYS A 18 6.59 -3.97 -0.81
C LYS A 18 5.68 -3.25 -1.80
N VAL A 19 5.86 -1.94 -1.97
CA VAL A 19 5.04 -1.13 -2.87
C VAL A 19 5.89 -0.07 -3.57
N GLY A 20 5.57 0.22 -4.82
CA GLY A 20 6.26 1.24 -5.60
C GLY A 20 5.29 2.24 -6.21
N PRO A 21 5.82 3.20 -6.97
CA PRO A 21 5.03 4.23 -7.63
C PRO A 21 4.23 3.63 -8.79
N ASP A 22 4.69 2.49 -9.31
CA ASP A 22 3.99 1.75 -10.35
C ASP A 22 2.84 0.92 -9.78
N GLY A 23 2.69 0.93 -8.45
CA GLY A 23 1.65 0.18 -7.77
C GLY A 23 2.09 -1.27 -7.53
N ARG A 24 1.43 -1.93 -6.58
CA ARG A 24 1.71 -3.32 -6.24
C ARG A 24 0.51 -3.89 -5.49
N VAL A 25 0.17 -5.15 -5.76
CA VAL A 25 -0.95 -5.79 -5.07
C VAL A 25 -0.60 -6.19 -3.64
N VAL A 26 -1.61 -6.22 -2.76
CA VAL A 26 -1.43 -6.61 -1.37
C VAL A 26 -2.56 -7.54 -0.92
N ARG A 27 -2.39 -8.21 0.22
CA ARG A 27 -3.39 -9.13 0.74
C ARG A 27 -3.52 -9.00 2.24
N CYS A 28 -4.74 -9.11 2.74
CA CYS A 28 -5.06 -8.94 4.15
C CYS A 28 -4.66 -10.17 4.96
N ALA A 29 -4.05 -9.94 6.12
CA ALA A 29 -3.69 -11.02 7.03
C ALA A 29 -4.89 -11.43 7.89
N SER A 30 -5.98 -10.65 7.85
CA SER A 30 -7.11 -10.85 8.74
C SER A 30 -8.35 -11.40 8.04
N CYS A 31 -8.44 -11.30 6.71
CA CYS A 31 -9.57 -11.85 5.98
C CYS A 31 -9.19 -12.37 4.59
N GLY A 32 -7.93 -12.19 4.17
CA GLY A 32 -7.44 -12.76 2.93
C GLY A 32 -7.88 -11.94 1.70
N ASN A 33 -8.55 -10.81 1.93
CA ASN A 33 -8.97 -9.92 0.85
C ASN A 33 -7.74 -9.40 0.10
N ARG A 34 -7.92 -9.07 -1.19
CA ARG A 34 -6.81 -8.67 -2.05
C ARG A 34 -7.20 -7.46 -2.90
N TRP A 35 -6.29 -6.49 -3.02
CA TRP A 35 -6.51 -5.29 -3.81
C TRP A 35 -5.18 -4.64 -4.14
N THR A 36 -5.16 -3.75 -5.14
CA THR A 36 -3.96 -3.03 -5.52
C THR A 36 -3.63 -1.85 -4.61
N ALA A 37 -2.34 -1.64 -4.33
CA ALA A 37 -1.87 -0.53 -3.52
C ALA A 37 -0.87 0.30 -4.31
N PHE A 38 -0.56 1.51 -3.83
CA PHE A 38 0.41 2.38 -4.47
C PHE A 38 1.13 3.31 -3.52
N LYS A 39 2.40 3.62 -3.83
CA LYS A 39 3.22 4.49 -3.00
C LYS A 39 2.83 5.96 -3.19
N ASP A 40 3.08 6.78 -2.17
CA ASP A 40 2.76 8.20 -2.18
C ASP A 40 3.79 8.95 -1.34
N GLU A 41 4.99 8.38 -1.20
CA GLU A 41 6.06 8.95 -0.40
C GLU A 41 6.56 10.25 -1.02
N ALA A 42 6.35 10.44 -2.32
CA ALA A 42 6.79 11.62 -3.04
C ALA A 42 5.96 11.82 -4.30
N GLU A 43 6.02 13.02 -4.88
CA GLU A 43 5.29 13.36 -6.09
C GLU A 43 6.02 14.48 -6.83
N LEU A 44 6.00 14.44 -8.16
CA LEU A 44 6.72 15.41 -8.99
C LEU A 44 5.87 15.81 -10.20
N GLU A 45 6.26 16.92 -10.85
CA GLU A 45 5.56 17.42 -12.03
C GLU A 45 6.55 17.82 -13.12
N LEU A 46 7.82 17.45 -12.95
CA LEU A 46 8.87 17.72 -13.91
C LEU A 46 8.77 16.76 -15.11
N VAL A 47 7.77 15.88 -15.09
CA VAL A 47 7.55 14.88 -16.13
C VAL A 47 6.05 14.77 -16.43
N PRO A 48 5.67 14.17 -17.57
CA PRO A 48 4.28 14.00 -17.95
C PRO A 48 3.49 13.30 -16.84
N ARG A 49 2.20 13.65 -16.73
CA ARG A 49 1.35 13.17 -15.64
C ARG A 49 -0.11 13.13 -16.08
ZN ZN B . -9.26 -7.76 5.92
N MET A 1 5.02 1.33 5.33
CA MET A 1 3.72 1.40 4.62
C MET A 1 2.61 0.83 5.49
N ILE A 2 1.43 1.45 5.45
CA ILE A 2 0.26 0.92 6.12
C ILE A 2 -0.95 1.12 5.21
N LEU A 3 -1.83 0.12 5.15
CA LEU A 3 -2.99 0.14 4.26
C LEU A 3 -4.24 -0.28 5.02
N THR A 4 -5.38 0.30 4.66
CA THR A 4 -6.67 -0.06 5.25
C THR A 4 -7.39 -1.17 4.48
N CYS A 5 -7.91 -2.16 5.19
CA CYS A 5 -8.62 -3.28 4.57
C CYS A 5 -10.04 -2.84 4.21
N PRO A 6 -10.50 -3.16 2.99
CA PRO A 6 -11.86 -2.90 2.57
C PRO A 6 -12.88 -3.70 3.39
N GLU A 7 -12.43 -4.76 4.06
CA GLU A 7 -13.33 -5.66 4.78
C GLU A 7 -13.13 -5.55 6.30
N CYS A 8 -11.88 -5.48 6.76
CA CYS A 8 -11.60 -5.37 8.19
C CYS A 8 -11.76 -3.92 8.65
N ALA A 9 -11.79 -2.98 7.70
CA ALA A 9 -11.95 -1.56 7.97
C ALA A 9 -10.93 -1.09 9.01
N SER A 10 -9.71 -1.65 8.92
CA SER A 10 -8.66 -1.40 9.89
C SER A 10 -7.31 -1.36 9.19
N ARG A 11 -6.31 -0.77 9.85
CA ARG A 11 -4.99 -0.58 9.25
C ARG A 11 -4.11 -1.82 9.44
N TYR A 12 -3.18 -2.02 8.50
CA TYR A 12 -2.22 -3.11 8.55
C TYR A 12 -0.91 -2.75 7.85
N PHE A 13 0.22 -3.08 8.46
CA PHE A 13 1.51 -2.60 7.99
C PHE A 13 2.35 -3.61 7.21
N VAL A 14 3.14 -3.09 6.27
CA VAL A 14 4.04 -3.88 5.42
C VAL A 14 5.30 -3.08 5.15
N ASP A 15 6.36 -3.75 4.67
CA ASP A 15 7.62 -3.10 4.36
C ASP A 15 7.43 -2.12 3.20
N ASP A 16 8.24 -1.08 3.12
CA ASP A 16 8.15 -0.07 2.08
C ASP A 16 8.49 -0.64 0.70
N SER A 17 9.06 -1.85 0.66
CA SER A 17 9.40 -2.53 -0.59
C SER A 17 8.18 -3.24 -1.17
N LYS A 18 7.13 -3.44 -0.35
CA LYS A 18 5.93 -4.14 -0.79
C LYS A 18 5.13 -3.32 -1.80
N VAL A 19 5.39 -2.01 -1.86
CA VAL A 19 4.67 -1.11 -2.74
C VAL A 19 5.62 -0.15 -3.45
N GLY A 20 5.33 0.16 -4.71
CA GLY A 20 6.13 1.07 -5.52
C GLY A 20 5.27 2.17 -6.13
N PRO A 21 5.90 3.08 -6.88
CA PRO A 21 5.23 4.20 -7.52
C PRO A 21 4.37 3.73 -8.69
N ASP A 22 4.70 2.56 -9.25
CA ASP A 22 3.93 1.93 -10.31
C ASP A 22 2.72 1.17 -9.75
N GLY A 23 2.63 1.09 -8.42
CA GLY A 23 1.57 0.37 -7.73
C GLY A 23 1.85 -1.13 -7.69
N ARG A 24 1.30 -1.81 -6.68
CA ARG A 24 1.47 -3.25 -6.51
C ARG A 24 0.39 -3.80 -5.60
N VAL A 25 -0.02 -5.05 -5.82
CA VAL A 25 -1.08 -5.67 -5.03
C VAL A 25 -0.60 -6.09 -3.65
N VAL A 26 -1.52 -6.08 -2.68
CA VAL A 26 -1.25 -6.49 -1.31
C VAL A 26 -2.31 -7.46 -0.80
N ARG A 27 -2.07 -8.06 0.39
CA ARG A 27 -2.98 -9.03 0.96
C ARG A 27 -3.20 -8.77 2.44
N CYS A 28 -4.43 -8.99 2.90
CA CYS A 28 -4.82 -8.80 4.29
C CYS A 28 -4.39 -9.99 5.13
N ALA A 29 -3.83 -9.73 6.30
CA ALA A 29 -3.45 -10.77 7.25
C ALA A 29 -4.67 -11.22 8.06
N SER A 30 -5.78 -10.47 7.99
CA SER A 30 -6.92 -10.70 8.86
C SER A 30 -8.11 -11.33 8.12
N CYS A 31 -8.15 -11.27 6.78
CA CYS A 31 -9.23 -11.89 6.03
C CYS A 31 -8.79 -12.39 4.65
N GLY A 32 -7.53 -12.15 4.26
CA GLY A 32 -6.97 -12.69 3.04
C GLY A 32 -7.40 -11.91 1.79
N ASN A 33 -8.15 -10.82 1.98
CA ASN A 33 -8.59 -9.97 0.90
C ASN A 33 -7.39 -9.33 0.20
N ARG A 34 -7.53 -8.99 -1.09
CA ARG A 34 -6.44 -8.41 -1.86
C ARG A 34 -6.92 -7.18 -2.62
N TRP A 35 -6.03 -6.20 -2.80
CA TRP A 35 -6.32 -5.00 -3.56
C TRP A 35 -5.02 -4.32 -3.98
N THR A 36 -5.07 -3.47 -5.00
CA THR A 36 -3.91 -2.74 -5.45
C THR A 36 -3.51 -1.57 -4.55
N ALA A 37 -2.22 -1.43 -4.28
CA ALA A 37 -1.68 -0.35 -3.47
C ALA A 37 -0.77 0.54 -4.32
N PHE A 38 -0.47 1.74 -3.83
CA PHE A 38 0.44 2.65 -4.49
C PHE A 38 1.24 3.54 -3.54
N LYS A 39 2.50 3.81 -3.88
CA LYS A 39 3.37 4.64 -3.07
C LYS A 39 3.10 6.12 -3.29
N ASP A 40 3.39 6.93 -2.28
CA ASP A 40 3.17 8.38 -2.33
C ASP A 40 4.18 9.07 -1.43
N GLU A 41 5.33 8.43 -1.19
CA GLU A 41 6.37 8.95 -0.31
C GLU A 41 7.09 10.15 -0.94
N ALA A 42 6.97 10.31 -2.25
CA ALA A 42 7.67 11.36 -2.97
C ALA A 42 6.97 11.66 -4.30
N GLU A 43 7.26 12.82 -4.88
CA GLU A 43 6.68 13.24 -6.14
C GLU A 43 7.65 14.19 -6.86
N LEU A 44 7.59 14.22 -8.20
CA LEU A 44 8.46 15.05 -9.01
C LEU A 44 8.20 16.53 -8.74
N GLU A 45 9.25 17.35 -8.81
CA GLU A 45 9.16 18.78 -8.52
C GLU A 45 8.42 19.55 -9.61
N LEU A 46 7.87 18.84 -10.60
CA LEU A 46 7.13 19.45 -11.70
C LEU A 46 5.79 20.02 -11.21
N VAL A 47 5.30 19.54 -10.06
CA VAL A 47 4.04 19.99 -9.49
C VAL A 47 4.18 21.43 -8.96
N PRO A 48 3.08 22.20 -8.98
CA PRO A 48 3.05 23.57 -8.49
C PRO A 48 3.06 23.61 -6.96
N ARG A 49 2.92 22.45 -6.30
CA ARG A 49 2.88 22.37 -4.84
C ARG A 49 4.22 22.79 -4.23
ZN ZN B . -9.12 -7.78 5.91
N MET A 1 5.03 1.68 5.32
CA MET A 1 3.74 2.42 5.38
C MET A 1 2.63 1.50 5.86
N ILE A 2 1.40 2.00 5.91
CA ILE A 2 0.27 1.23 6.40
C ILE A 2 -0.92 1.37 5.44
N LEU A 3 -1.75 0.32 5.37
CA LEU A 3 -2.88 0.26 4.47
C LEU A 3 -4.14 -0.20 5.21
N THR A 4 -5.30 0.26 4.77
CA THR A 4 -6.58 -0.13 5.37
C THR A 4 -7.32 -1.21 4.58
N CYS A 5 -7.87 -2.20 5.29
CA CYS A 5 -8.61 -3.28 4.64
C CYS A 5 -10.00 -2.80 4.24
N PRO A 6 -10.43 -3.07 3.01
CA PRO A 6 -11.77 -2.76 2.54
C PRO A 6 -12.85 -3.55 3.32
N GLU A 7 -12.45 -4.62 4.01
CA GLU A 7 -13.40 -5.50 4.69
C GLU A 7 -13.25 -5.42 6.20
N CYS A 8 -12.01 -5.42 6.71
CA CYS A 8 -11.78 -5.35 8.16
C CYS A 8 -11.91 -3.91 8.65
N ALA A 9 -11.86 -2.95 7.72
CA ALA A 9 -11.93 -1.52 8.04
C ALA A 9 -10.88 -1.18 9.10
N SER A 10 -9.73 -1.86 9.03
CA SER A 10 -8.67 -1.72 10.01
C SER A 10 -7.33 -1.63 9.31
N ARG A 11 -6.33 -1.07 10.00
CA ARG A 11 -5.01 -0.80 9.42
C ARG A 11 -4.11 -2.03 9.51
N TYR A 12 -3.18 -2.14 8.56
CA TYR A 12 -2.18 -3.20 8.52
C TYR A 12 -0.90 -2.74 7.81
N PHE A 13 0.26 -3.01 8.40
CA PHE A 13 1.51 -2.44 7.95
C PHE A 13 2.30 -3.29 6.95
N VAL A 14 3.03 -2.64 6.06
CA VAL A 14 3.87 -3.28 5.05
C VAL A 14 5.16 -2.49 4.86
N ASP A 15 6.21 -3.18 4.39
CA ASP A 15 7.49 -2.53 4.13
C ASP A 15 7.40 -1.59 2.92
N ASP A 16 8.23 -0.55 2.91
CA ASP A 16 8.22 0.41 1.81
C ASP A 16 8.78 -0.20 0.51
N SER A 17 9.40 -1.38 0.60
CA SER A 17 9.92 -2.09 -0.55
C SER A 17 8.86 -3.01 -1.17
N LYS A 18 7.73 -3.19 -0.47
CA LYS A 18 6.66 -4.07 -0.93
C LYS A 18 5.86 -3.40 -2.04
N VAL A 19 6.00 -2.08 -2.20
CA VAL A 19 5.23 -1.31 -3.16
C VAL A 19 6.10 -0.26 -3.86
N GLY A 20 5.77 0.06 -5.11
CA GLY A 20 6.51 1.05 -5.89
C GLY A 20 5.58 2.11 -6.46
N PRO A 21 6.13 3.03 -7.25
CA PRO A 21 5.38 4.12 -7.87
C PRO A 21 4.45 3.58 -8.96
N ASP A 22 4.71 2.35 -9.42
CA ASP A 22 3.86 1.68 -10.39
C ASP A 22 2.69 0.93 -9.73
N GLY A 23 2.66 0.92 -8.39
CA GLY A 23 1.61 0.26 -7.63
C GLY A 23 1.85 -1.25 -7.55
N ARG A 24 1.37 -1.87 -6.47
CA ARG A 24 1.57 -3.30 -6.24
C ARG A 24 0.40 -3.84 -5.41
N VAL A 25 -0.03 -5.06 -5.68
CA VAL A 25 -1.13 -5.68 -4.93
C VAL A 25 -0.68 -6.11 -3.54
N VAL A 26 -1.61 -6.08 -2.58
CA VAL A 26 -1.35 -6.51 -1.21
C VAL A 26 -2.43 -7.47 -0.72
N ARG A 27 -2.26 -8.03 0.48
CA ARG A 27 -3.21 -8.99 1.03
C ARG A 27 -3.42 -8.76 2.52
N CYS A 28 -4.63 -9.07 2.99
CA CYS A 28 -5.00 -8.91 4.39
C CYS A 28 -4.44 -10.06 5.22
N ALA A 29 -4.18 -9.82 6.50
CA ALA A 29 -3.65 -10.83 7.39
C ALA A 29 -4.75 -11.75 7.93
N SER A 30 -6.00 -11.27 7.93
CA SER A 30 -7.10 -12.01 8.57
C SER A 30 -8.14 -12.51 7.57
N CYS A 31 -8.74 -11.61 6.79
CA CYS A 31 -9.85 -11.99 5.92
C CYS A 31 -9.37 -12.47 4.54
N GLY A 32 -8.09 -12.27 4.25
CA GLY A 32 -7.46 -12.80 3.03
C GLY A 32 -7.81 -11.97 1.80
N ASN A 33 -8.52 -10.84 1.99
CA ASN A 33 -8.88 -9.94 0.91
C ASN A 33 -7.61 -9.33 0.30
N ARG A 34 -7.69 -8.96 -0.99
CA ARG A 34 -6.55 -8.37 -1.69
C ARG A 34 -7.01 -7.15 -2.49
N TRP A 35 -6.11 -6.17 -2.64
CA TRP A 35 -6.39 -4.95 -3.39
C TRP A 35 -5.07 -4.30 -3.78
N THR A 36 -5.11 -3.44 -4.80
CA THR A 36 -3.92 -2.71 -5.23
C THR A 36 -3.52 -1.57 -4.30
N ALA A 37 -2.22 -1.41 -4.07
CA ALA A 37 -1.68 -0.33 -3.26
C ALA A 37 -0.68 0.47 -4.09
N PHE A 38 -0.33 1.68 -3.62
CA PHE A 38 0.63 2.52 -4.31
C PHE A 38 1.47 3.39 -3.39
N LYS A 39 2.73 3.63 -3.77
CA LYS A 39 3.65 4.46 -3.01
C LYS A 39 3.28 5.93 -3.17
N ASP A 40 3.68 6.75 -2.20
CA ASP A 40 3.36 8.18 -2.21
C ASP A 40 4.63 8.99 -1.92
N GLU A 41 5.72 8.32 -1.53
CA GLU A 41 7.00 8.96 -1.30
C GLU A 41 7.65 9.36 -2.63
N ALA A 42 7.19 8.73 -3.72
CA ALA A 42 7.72 8.97 -5.06
C ALA A 42 6.69 8.57 -6.11
N GLU A 43 6.89 9.03 -7.34
CA GLU A 43 5.98 8.73 -8.46
C GLU A 43 6.74 8.69 -9.78
N LEU A 44 7.94 9.30 -9.81
CA LEU A 44 8.77 9.37 -11.02
C LEU A 44 10.24 9.14 -10.64
N GLU A 45 11.07 8.88 -11.65
CA GLU A 45 12.49 8.67 -11.43
C GLU A 45 13.19 9.97 -11.01
N LEU A 46 14.36 9.85 -10.39
CA LEU A 46 15.13 11.00 -9.94
C LEU A 46 15.63 11.79 -11.15
N VAL A 47 15.75 13.12 -11.00
CA VAL A 47 16.20 14.00 -12.06
C VAL A 47 17.66 13.75 -12.42
N PRO A 48 18.04 13.98 -13.68
CA PRO A 48 19.40 13.82 -14.15
C PRO A 48 20.31 14.90 -13.54
N ARG A 49 21.62 14.65 -13.55
CA ARG A 49 22.60 15.57 -13.01
C ARG A 49 22.74 16.79 -13.92
ZN ZN B . -9.29 -7.80 5.91
N MET A 1 4.94 1.46 5.36
CA MET A 1 3.63 1.94 4.90
C MET A 1 2.51 1.15 5.55
N ILE A 2 1.31 1.74 5.65
CA ILE A 2 0.17 1.06 6.24
C ILE A 2 -1.05 1.25 5.33
N LEU A 3 -1.92 0.24 5.28
CA LEU A 3 -3.08 0.23 4.41
C LEU A 3 -4.33 -0.19 5.19
N THR A 4 -5.50 0.32 4.78
CA THR A 4 -6.77 -0.07 5.37
C THR A 4 -7.48 -1.17 4.60
N CYS A 5 -8.00 -2.17 5.32
CA CYS A 5 -8.73 -3.27 4.68
C CYS A 5 -10.16 -2.82 4.34
N PRO A 6 -10.62 -3.09 3.11
CA PRO A 6 -11.97 -2.81 2.69
C PRO A 6 -12.99 -3.63 3.50
N GLU A 7 -12.55 -4.70 4.16
CA GLU A 7 -13.44 -5.61 4.86
C GLU A 7 -13.25 -5.55 6.38
N CYS A 8 -12.01 -5.51 6.85
CA CYS A 8 -11.74 -5.46 8.29
C CYS A 8 -11.88 -4.02 8.79
N ALA A 9 -11.88 -3.03 7.87
CA ALA A 9 -11.99 -1.63 8.21
C ALA A 9 -10.92 -1.25 9.25
N SER A 10 -9.74 -1.85 9.12
CA SER A 10 -8.66 -1.70 10.09
C SER A 10 -7.32 -1.59 9.36
N ARG A 11 -6.30 -1.11 10.07
CA ARG A 11 -4.99 -0.84 9.48
C ARG A 11 -4.13 -2.10 9.47
N TYR A 12 -3.23 -2.18 8.49
CA TYR A 12 -2.25 -3.26 8.37
C TYR A 12 -0.98 -2.80 7.69
N PHE A 13 0.19 -3.17 8.24
CA PHE A 13 1.46 -2.60 7.80
C PHE A 13 2.33 -3.53 6.95
N VAL A 14 3.11 -2.91 6.06
CA VAL A 14 4.06 -3.60 5.18
C VAL A 14 5.29 -2.73 4.97
N ASP A 15 6.41 -3.35 4.60
CA ASP A 15 7.63 -2.61 4.33
C ASP A 15 7.49 -1.75 3.07
N ASP A 16 8.25 -0.65 3.00
CA ASP A 16 8.16 0.27 1.88
C ASP A 16 8.68 -0.33 0.57
N SER A 17 9.36 -1.47 0.66
CA SER A 17 9.90 -2.16 -0.51
C SER A 17 8.82 -3.02 -1.18
N LYS A 18 7.71 -3.26 -0.48
CA LYS A 18 6.64 -4.13 -0.98
C LYS A 18 5.77 -3.41 -2.00
N VAL A 19 5.92 -2.09 -2.12
CA VAL A 19 5.11 -1.28 -3.04
C VAL A 19 5.93 -0.17 -3.67
N GLY A 20 5.64 0.15 -4.93
CA GLY A 20 6.33 1.20 -5.67
C GLY A 20 5.33 2.18 -6.29
N PRO A 21 5.83 3.15 -7.07
CA PRO A 21 5.02 4.14 -7.74
C PRO A 21 4.24 3.52 -8.90
N ASP A 22 4.68 2.35 -9.38
CA ASP A 22 3.98 1.62 -10.43
C ASP A 22 2.81 0.86 -9.81
N GLY A 23 2.72 0.87 -8.48
CA GLY A 23 1.68 0.17 -7.74
C GLY A 23 2.05 -1.30 -7.55
N ARG A 24 1.44 -1.94 -6.56
CA ARG A 24 1.69 -3.34 -6.24
C ARG A 24 0.52 -3.86 -5.41
N VAL A 25 0.03 -5.06 -5.71
CA VAL A 25 -1.08 -5.65 -4.98
C VAL A 25 -0.67 -6.10 -3.58
N VAL A 26 -1.61 -6.07 -2.64
CA VAL A 26 -1.36 -6.50 -1.26
C VAL A 26 -2.43 -7.49 -0.80
N ARG A 27 -2.22 -8.09 0.38
CA ARG A 27 -3.15 -9.07 0.94
C ARG A 27 -3.37 -8.83 2.43
N CYS A 28 -4.60 -9.03 2.88
CA CYS A 28 -4.99 -8.84 4.26
C CYS A 28 -4.57 -10.04 5.11
N ALA A 29 -3.99 -9.78 6.28
CA ALA A 29 -3.63 -10.83 7.22
C ALA A 29 -4.85 -11.28 8.03
N SER A 30 -5.96 -10.56 7.93
CA SER A 30 -7.12 -10.80 8.78
C SER A 30 -8.31 -11.40 8.03
N CYS A 31 -8.33 -11.31 6.69
CA CYS A 31 -9.43 -11.91 5.93
C CYS A 31 -8.98 -12.40 4.54
N GLY A 32 -7.72 -12.17 4.16
CA GLY A 32 -7.17 -12.70 2.92
C GLY A 32 -7.61 -11.89 1.71
N ASN A 33 -8.33 -10.79 1.92
CA ASN A 33 -8.75 -9.90 0.85
C ASN A 33 -7.53 -9.29 0.16
N ARG A 34 -7.66 -8.93 -1.12
CA ARG A 34 -6.57 -8.36 -1.88
C ARG A 34 -7.03 -7.12 -2.65
N TRP A 35 -6.12 -6.14 -2.81
CA TRP A 35 -6.38 -4.93 -3.56
C TRP A 35 -5.06 -4.28 -3.95
N THR A 36 -5.07 -3.43 -4.97
CA THR A 36 -3.87 -2.72 -5.40
C THR A 36 -3.47 -1.57 -4.47
N ALA A 37 -2.18 -1.44 -4.21
CA ALA A 37 -1.65 -0.36 -3.38
C ALA A 37 -0.59 0.43 -4.18
N PHE A 38 -0.24 1.61 -3.68
CA PHE A 38 0.75 2.46 -4.33
C PHE A 38 1.55 3.32 -3.35
N LYS A 39 2.82 3.60 -3.69
CA LYS A 39 3.69 4.38 -2.83
C LYS A 39 3.24 5.84 -2.81
N ASP A 40 3.36 6.49 -1.65
CA ASP A 40 2.97 7.88 -1.50
C ASP A 40 3.63 8.48 -0.25
N GLU A 41 3.98 7.63 0.72
CA GLU A 41 4.61 8.08 1.96
C GLU A 41 6.01 8.65 1.72
N ALA A 42 6.61 8.34 0.57
CA ALA A 42 7.98 8.74 0.29
C ALA A 42 8.20 8.94 -1.21
N GLU A 43 7.12 9.20 -1.94
CA GLU A 43 7.18 9.42 -3.38
C GLU A 43 7.68 10.83 -3.69
N LEU A 44 7.60 11.74 -2.71
CA LEU A 44 8.04 13.12 -2.88
C LEU A 44 9.56 13.19 -2.98
N GLU A 45 10.07 14.29 -3.53
CA GLU A 45 11.51 14.49 -3.68
C GLU A 45 12.16 14.71 -2.31
N LEU A 46 13.38 14.20 -2.15
CA LEU A 46 14.10 14.31 -0.88
C LEU A 46 14.52 15.75 -0.60
N VAL A 47 14.75 16.07 0.67
CA VAL A 47 15.18 17.40 1.08
C VAL A 47 16.61 17.67 0.63
N PRO A 48 16.94 18.95 0.36
CA PRO A 48 18.27 19.36 -0.08
C PRO A 48 19.29 19.30 1.06
N ARG A 49 18.83 19.07 2.30
CA ARG A 49 19.71 19.02 3.46
C ARG A 49 20.63 17.81 3.40
ZN ZN B . -9.27 -7.81 5.92
N MET A 1 5.24 1.64 5.64
CA MET A 1 3.95 2.16 5.15
C MET A 1 2.80 1.33 5.73
N ILE A 2 1.57 1.82 5.61
CA ILE A 2 0.41 1.13 6.16
C ILE A 2 -0.76 1.21 5.18
N LEU A 3 -1.61 0.19 5.19
CA LEU A 3 -2.77 0.11 4.32
C LEU A 3 -4.01 -0.27 5.13
N THR A 4 -5.19 0.19 4.69
CA THR A 4 -6.46 -0.15 5.31
C THR A 4 -7.25 -1.21 4.54
N CYS A 5 -7.80 -2.20 5.25
CA CYS A 5 -8.57 -3.25 4.62
C CYS A 5 -9.96 -2.75 4.27
N PRO A 6 -10.46 -3.01 3.05
CA PRO A 6 -11.80 -2.68 2.64
C PRO A 6 -12.85 -3.45 3.44
N GLU A 7 -12.44 -4.54 4.12
CA GLU A 7 -13.37 -5.41 4.82
C GLU A 7 -13.18 -5.36 6.33
N CYS A 8 -11.93 -5.35 6.80
CA CYS A 8 -11.65 -5.28 8.23
C CYS A 8 -11.76 -3.85 8.72
N ALA A 9 -11.72 -2.88 7.80
CA ALA A 9 -11.79 -1.46 8.11
C ALA A 9 -10.72 -1.10 9.15
N SER A 10 -9.56 -1.75 9.05
CA SER A 10 -8.49 -1.62 10.01
C SER A 10 -7.15 -1.56 9.29
N ARG A 11 -6.14 -0.96 9.94
CA ARG A 11 -4.84 -0.74 9.32
C ARG A 11 -3.93 -1.96 9.48
N TYR A 12 -3.01 -2.11 8.54
CA TYR A 12 -2.00 -3.16 8.55
C TYR A 12 -0.71 -2.71 7.87
N PHE A 13 0.44 -2.97 8.49
CA PHE A 13 1.71 -2.42 8.06
C PHE A 13 2.61 -3.36 7.26
N VAL A 14 3.39 -2.78 6.33
CA VAL A 14 4.33 -3.50 5.49
C VAL A 14 5.55 -2.62 5.22
N ASP A 15 6.65 -3.23 4.77
CA ASP A 15 7.85 -2.50 4.41
C ASP A 15 7.63 -1.59 3.20
N ASP A 16 8.39 -0.50 3.11
CA ASP A 16 8.26 0.44 2.00
C ASP A 16 8.73 -0.16 0.68
N SER A 17 9.37 -1.33 0.72
CA SER A 17 9.84 -2.01 -0.46
C SER A 17 8.75 -2.90 -1.05
N LYS A 18 7.65 -3.10 -0.30
CA LYS A 18 6.55 -3.96 -0.73
C LYS A 18 5.70 -3.26 -1.80
N VAL A 19 5.84 -1.94 -1.91
CA VAL A 19 5.03 -1.14 -2.84
C VAL A 19 5.89 -0.07 -3.52
N GLY A 20 5.55 0.25 -4.77
CA GLY A 20 6.25 1.28 -5.52
C GLY A 20 5.27 2.30 -6.10
N PRO A 21 5.79 3.27 -6.85
CA PRO A 21 4.99 4.32 -7.47
C PRO A 21 4.14 3.74 -8.61
N ASP A 22 4.57 2.61 -9.16
CA ASP A 22 3.83 1.89 -10.18
C ASP A 22 2.70 1.04 -9.59
N GLY A 23 2.64 1.00 -8.24
CA GLY A 23 1.63 0.22 -7.54
C GLY A 23 2.03 -1.25 -7.43
N ARG A 24 1.41 -1.96 -6.48
CA ARG A 24 1.65 -3.38 -6.25
C ARG A 24 0.46 -3.96 -5.51
N VAL A 25 0.12 -5.22 -5.78
CA VAL A 25 -1.00 -5.87 -5.11
C VAL A 25 -0.64 -6.29 -3.69
N VAL A 26 -1.64 -6.30 -2.80
CA VAL A 26 -1.47 -6.69 -1.40
C VAL A 26 -2.58 -7.63 -0.94
N ARG A 27 -2.39 -8.25 0.22
CA ARG A 27 -3.36 -9.19 0.77
C ARG A 27 -3.53 -8.98 2.27
N CYS A 28 -4.77 -9.14 2.75
CA CYS A 28 -5.10 -8.94 4.14
C CYS A 28 -4.70 -10.16 4.97
N ALA A 29 -4.08 -9.90 6.13
CA ALA A 29 -3.73 -10.96 7.06
C ALA A 29 -4.94 -11.37 7.91
N SER A 30 -6.03 -10.60 7.85
CA SER A 30 -7.17 -10.81 8.74
C SER A 30 -8.40 -11.37 8.03
N CYS A 31 -8.47 -11.27 6.70
CA CYS A 31 -9.60 -11.84 5.96
C CYS A 31 -9.21 -12.35 4.57
N GLY A 32 -7.95 -12.19 4.17
CA GLY A 32 -7.45 -12.76 2.93
C GLY A 32 -7.88 -11.96 1.70
N ASN A 33 -8.54 -10.82 1.92
CA ASN A 33 -8.95 -9.94 0.83
C ASN A 33 -7.72 -9.46 0.05
N ARG A 34 -7.91 -9.14 -1.22
CA ARG A 34 -6.81 -8.75 -2.10
C ARG A 34 -7.20 -7.55 -2.96
N TRP A 35 -6.30 -6.58 -3.07
CA TRP A 35 -6.54 -5.37 -3.86
C TRP A 35 -5.20 -4.71 -4.19
N THR A 36 -5.19 -3.84 -5.20
CA THR A 36 -3.99 -3.09 -5.57
C THR A 36 -3.69 -1.93 -4.62
N ALA A 37 -2.40 -1.71 -4.33
CA ALA A 37 -1.95 -0.63 -3.47
C ALA A 37 -0.93 0.22 -4.24
N PHE A 38 -0.66 1.42 -3.72
CA PHE A 38 0.32 2.31 -4.32
C PHE A 38 1.03 3.21 -3.31
N LYS A 39 2.29 3.55 -3.59
CA LYS A 39 3.09 4.37 -2.69
C LYS A 39 2.63 5.82 -2.73
N ASP A 40 2.77 6.51 -1.60
CA ASP A 40 2.36 7.91 -1.48
C ASP A 40 3.12 8.58 -0.32
N GLU A 41 3.64 7.77 0.61
CA GLU A 41 4.37 8.28 1.76
C GLU A 41 5.73 8.85 1.35
N ALA A 42 6.20 8.49 0.16
CA ALA A 42 7.53 8.90 -0.30
C ALA A 42 7.60 8.85 -1.83
N GLU A 43 6.46 9.00 -2.48
CA GLU A 43 6.38 8.95 -3.94
C GLU A 43 7.03 10.20 -4.57
N LEU A 44 7.21 11.26 -3.77
CA LEU A 44 7.86 12.49 -4.20
C LEU A 44 8.50 13.19 -3.01
N GLU A 45 9.62 13.87 -3.24
CA GLU A 45 10.34 14.59 -2.20
C GLU A 45 11.13 15.74 -2.81
N LEU A 46 11.31 16.83 -2.06
CA LEU A 46 12.01 18.01 -2.53
C LEU A 46 13.49 17.69 -2.79
N VAL A 47 14.05 18.28 -3.85
CA VAL A 47 15.44 18.05 -4.22
C VAL A 47 16.39 18.61 -3.15
N PRO A 48 17.44 17.88 -2.79
CA PRO A 48 18.43 18.31 -1.81
C PRO A 48 19.06 19.65 -2.20
N ARG A 49 19.57 20.38 -1.19
CA ARG A 49 20.22 21.66 -1.39
C ARG A 49 21.56 21.48 -2.10
ZN ZN B . -9.30 -7.76 5.89
N MET A 1 5.21 1.84 5.43
CA MET A 1 3.90 2.32 4.95
C MET A 1 2.79 1.52 5.62
N ILE A 2 1.54 1.97 5.47
CA ILE A 2 0.40 1.31 6.08
C ILE A 2 -0.77 1.27 5.09
N LEU A 3 -1.59 0.22 5.18
CA LEU A 3 -2.72 0.01 4.29
C LEU A 3 -3.97 -0.34 5.10
N THR A 4 -5.15 0.03 4.58
CA THR A 4 -6.42 -0.28 5.22
C THR A 4 -7.24 -1.29 4.44
N CYS A 5 -7.79 -2.30 5.13
CA CYS A 5 -8.58 -3.34 4.51
C CYS A 5 -9.98 -2.81 4.19
N PRO A 6 -10.49 -3.06 2.98
CA PRO A 6 -11.85 -2.71 2.58
C PRO A 6 -12.88 -3.47 3.40
N GLU A 7 -12.49 -4.56 4.06
CA GLU A 7 -13.42 -5.41 4.78
C GLU A 7 -13.20 -5.35 6.29
N CYS A 8 -11.94 -5.40 6.73
CA CYS A 8 -11.63 -5.35 8.16
C CYS A 8 -11.69 -3.91 8.67
N ALA A 9 -11.65 -2.94 7.75
CA ALA A 9 -11.70 -1.52 8.07
C ALA A 9 -10.64 -1.17 9.12
N SER A 10 -9.46 -1.81 9.01
CA SER A 10 -8.40 -1.67 9.99
C SER A 10 -7.06 -1.55 9.29
N ARG A 11 -6.11 -0.86 9.92
CA ARG A 11 -4.81 -0.58 9.33
C ARG A 11 -3.83 -1.72 9.58
N TYR A 12 -2.86 -1.86 8.67
CA TYR A 12 -1.79 -2.84 8.78
C TYR A 12 -0.52 -2.38 8.06
N PHE A 13 0.63 -2.55 8.69
CA PHE A 13 1.88 -1.97 8.20
C PHE A 13 2.87 -2.95 7.56
N VAL A 14 3.62 -2.46 6.57
CA VAL A 14 4.62 -3.23 5.85
C VAL A 14 5.76 -2.32 5.42
N ASP A 15 6.88 -2.91 5.02
CA ASP A 15 8.05 -2.17 4.55
C ASP A 15 7.69 -1.45 3.23
N ASP A 16 8.32 -0.30 2.98
CA ASP A 16 8.03 0.49 1.79
C ASP A 16 8.42 -0.22 0.50
N SER A 17 9.22 -1.28 0.59
CA SER A 17 9.66 -2.04 -0.57
C SER A 17 8.53 -2.91 -1.12
N LYS A 18 7.45 -3.08 -0.36
CA LYS A 18 6.32 -3.91 -0.75
C LYS A 18 5.47 -3.25 -1.85
N VAL A 19 5.69 -1.95 -2.11
CA VAL A 19 4.90 -1.21 -3.08
C VAL A 19 5.79 -0.24 -3.86
N GLY A 20 5.66 -0.22 -5.19
CA GLY A 20 6.42 0.67 -6.04
C GLY A 20 5.62 1.93 -6.39
N PRO A 21 6.20 2.82 -7.20
CA PRO A 21 5.56 4.05 -7.61
C PRO A 21 4.42 3.76 -8.58
N ASP A 22 4.38 2.54 -9.13
CA ASP A 22 3.32 2.10 -10.04
C ASP A 22 2.27 1.25 -9.32
N GLY A 23 2.43 1.09 -8.00
CA GLY A 23 1.51 0.30 -7.19
C GLY A 23 1.86 -1.19 -7.23
N ARG A 24 1.33 -1.95 -6.27
CA ARG A 24 1.59 -3.38 -6.16
C ARG A 24 0.46 -4.03 -5.35
N VAL A 25 -0.01 -5.19 -5.78
CA VAL A 25 -1.08 -5.90 -5.10
C VAL A 25 -0.66 -6.40 -3.73
N VAL A 26 -1.61 -6.48 -2.79
CA VAL A 26 -1.37 -6.97 -1.44
C VAL A 26 -2.51 -7.88 -0.99
N ARG A 27 -2.35 -8.51 0.18
CA ARG A 27 -3.36 -9.40 0.72
C ARG A 27 -3.55 -9.15 2.21
N CYS A 28 -4.78 -9.36 2.69
CA CYS A 28 -5.15 -9.14 4.07
C CYS A 28 -4.76 -10.34 4.92
N ALA A 29 -4.22 -10.09 6.12
CA ALA A 29 -3.88 -11.12 7.06
C ALA A 29 -5.12 -11.54 7.87
N SER A 30 -6.22 -10.79 7.76
CA SER A 30 -7.38 -10.98 8.62
C SER A 30 -8.61 -11.50 7.87
N CYS A 31 -8.62 -11.41 6.54
CA CYS A 31 -9.75 -11.94 5.77
C CYS A 31 -9.35 -12.43 4.37
N GLY A 32 -8.08 -12.27 3.99
CA GLY A 32 -7.55 -12.82 2.74
C GLY A 32 -7.95 -11.99 1.53
N ASN A 33 -8.62 -10.86 1.75
CA ASN A 33 -9.00 -9.95 0.69
C ASN A 33 -7.74 -9.39 0.02
N ARG A 34 -7.86 -9.01 -1.26
CA ARG A 34 -6.73 -8.51 -2.03
C ARG A 34 -7.11 -7.27 -2.82
N TRP A 35 -6.16 -6.35 -2.97
CA TRP A 35 -6.35 -5.11 -3.73
C TRP A 35 -4.99 -4.52 -4.10
N THR A 36 -4.97 -3.63 -5.09
CA THR A 36 -3.76 -2.92 -5.47
C THR A 36 -3.42 -1.79 -4.51
N ALA A 37 -2.24 -1.87 -3.89
CA ALA A 37 -1.76 -0.81 -3.02
C ALA A 37 -0.96 0.22 -3.83
N PHE A 38 -0.80 1.42 -3.27
CA PHE A 38 -0.12 2.52 -3.94
C PHE A 38 0.83 3.29 -3.03
N LYS A 39 1.60 4.21 -3.62
CA LYS A 39 2.61 4.98 -2.91
C LYS A 39 2.51 6.45 -3.27
N ASP A 40 2.94 7.31 -2.35
CA ASP A 40 2.88 8.76 -2.54
C ASP A 40 4.06 9.43 -1.81
N GLU A 41 4.72 8.68 -0.92
CA GLU A 41 5.86 9.18 -0.17
C GLU A 41 7.08 9.35 -1.06
N ALA A 42 7.11 8.66 -2.20
CA ALA A 42 8.26 8.66 -3.09
C ALA A 42 7.84 8.25 -4.50
N GLU A 43 6.63 8.65 -4.92
CA GLU A 43 6.10 8.29 -6.24
C GLU A 43 6.98 8.86 -7.35
N LEU A 44 7.78 9.88 -7.04
CA LEU A 44 8.67 10.51 -8.01
C LEU A 44 9.87 9.60 -8.33
N GLU A 45 9.98 8.46 -7.64
CA GLU A 45 11.04 7.48 -7.85
C GLU A 45 12.43 8.11 -7.68
N LEU A 46 12.53 9.14 -6.82
CA LEU A 46 13.79 9.81 -6.55
C LEU A 46 14.64 8.99 -5.56
N VAL A 47 14.18 7.79 -5.20
CA VAL A 47 14.88 6.91 -4.27
C VAL A 47 16.22 6.45 -4.85
N PRO A 48 17.17 6.06 -3.98
CA PRO A 48 18.48 5.58 -4.39
C PRO A 48 18.40 4.39 -5.32
N ARG A 49 19.46 4.17 -6.10
CA ARG A 49 19.53 3.05 -7.05
C ARG A 49 20.98 2.67 -7.30
ZN ZN B . -9.36 -7.85 5.75
N MET A 1 5.46 1.98 5.69
CA MET A 1 4.15 2.48 5.26
C MET A 1 3.04 1.63 5.84
N ILE A 2 1.78 2.04 5.66
CA ILE A 2 0.65 1.32 6.22
C ILE A 2 -0.49 1.24 5.20
N LEU A 3 -1.29 0.19 5.29
CA LEU A 3 -2.40 -0.06 4.38
C LEU A 3 -3.66 -0.41 5.16
N THR A 4 -4.83 -0.08 4.61
CA THR A 4 -6.12 -0.37 5.24
C THR A 4 -6.97 -1.36 4.47
N CYS A 5 -7.58 -2.32 5.16
CA CYS A 5 -8.43 -3.31 4.52
C CYS A 5 -9.79 -2.71 4.18
N PRO A 6 -10.29 -2.91 2.95
CA PRO A 6 -11.62 -2.48 2.55
C PRO A 6 -12.72 -3.17 3.36
N GLU A 7 -12.40 -4.30 4.00
CA GLU A 7 -13.40 -5.10 4.70
C GLU A 7 -13.20 -5.06 6.21
N CYS A 8 -11.95 -5.18 6.68
CA CYS A 8 -11.67 -5.15 8.11
C CYS A 8 -11.65 -3.71 8.62
N ALA A 9 -11.53 -2.75 7.70
CA ALA A 9 -11.49 -1.32 8.04
C ALA A 9 -10.40 -1.05 9.07
N SER A 10 -9.31 -1.82 9.01
CA SER A 10 -8.24 -1.75 9.99
C SER A 10 -6.89 -1.67 9.29
N ARG A 11 -5.93 -0.99 9.92
CA ARG A 11 -4.62 -0.73 9.34
C ARG A 11 -3.65 -1.88 9.66
N TYR A 12 -2.64 -2.05 8.80
CA TYR A 12 -1.55 -2.98 9.04
C TYR A 12 -0.33 -2.46 8.28
N PHE A 13 0.85 -2.61 8.88
CA PHE A 13 2.07 -2.02 8.35
C PHE A 13 2.94 -2.95 7.53
N VAL A 14 3.66 -2.37 6.55
CA VAL A 14 4.56 -3.11 5.67
C VAL A 14 5.76 -2.24 5.32
N ASP A 15 6.83 -2.87 4.83
CA ASP A 15 8.04 -2.16 4.41
C ASP A 15 7.76 -1.26 3.20
N ASP A 16 8.52 -0.17 3.08
CA ASP A 16 8.33 0.77 1.98
C ASP A 16 8.70 0.17 0.62
N SER A 17 9.42 -0.94 0.62
CA SER A 17 9.82 -1.63 -0.61
C SER A 17 8.73 -2.59 -1.08
N LYS A 18 7.71 -2.82 -0.25
CA LYS A 18 6.62 -3.73 -0.57
C LYS A 18 5.64 -3.10 -1.56
N VAL A 19 5.75 -1.78 -1.75
CA VAL A 19 4.86 -1.03 -2.64
C VAL A 19 5.62 0.07 -3.36
N GLY A 20 5.25 0.33 -4.63
CA GLY A 20 5.89 1.36 -5.44
C GLY A 20 4.85 2.31 -6.03
N PRO A 21 5.32 3.32 -6.78
CA PRO A 21 4.49 4.32 -7.42
C PRO A 21 3.71 3.70 -8.60
N ASP A 22 4.19 2.56 -9.10
CA ASP A 22 3.51 1.80 -10.13
C ASP A 22 2.46 0.86 -9.56
N GLY A 23 2.35 0.83 -8.23
CA GLY A 23 1.39 -0.01 -7.53
C GLY A 23 1.91 -1.44 -7.38
N ARG A 24 1.39 -2.14 -6.37
CA ARG A 24 1.77 -3.52 -6.07
C ARG A 24 0.64 -4.18 -5.31
N VAL A 25 0.27 -5.40 -5.71
CA VAL A 25 -0.85 -6.12 -5.09
C VAL A 25 -0.52 -6.55 -3.66
N VAL A 26 -1.53 -6.58 -2.79
CA VAL A 26 -1.40 -6.99 -1.40
C VAL A 26 -2.62 -7.83 -1.00
N ARG A 27 -2.52 -8.49 0.16
CA ARG A 27 -3.61 -9.33 0.65
C ARG A 27 -3.76 -9.17 2.15
N CYS A 28 -5.01 -9.31 2.63
CA CYS A 28 -5.34 -9.14 4.03
C CYS A 28 -4.99 -10.38 4.83
N ALA A 29 -4.42 -10.18 6.03
CA ALA A 29 -4.13 -11.26 6.95
C ALA A 29 -5.38 -11.65 7.74
N SER A 30 -6.44 -10.83 7.68
CA SER A 30 -7.61 -10.99 8.54
C SER A 30 -8.84 -11.46 7.80
N CYS A 31 -8.90 -11.33 6.47
CA CYS A 31 -10.04 -11.83 5.71
C CYS A 31 -9.65 -12.35 4.32
N GLY A 32 -8.37 -12.27 3.96
CA GLY A 32 -7.87 -12.86 2.72
C GLY A 32 -8.21 -12.03 1.50
N ASN A 33 -8.81 -10.85 1.71
CA ASN A 33 -9.14 -9.93 0.63
C ASN A 33 -7.87 -9.52 -0.12
N ARG A 34 -7.99 -9.19 -1.40
CA ARG A 34 -6.85 -8.83 -2.23
C ARG A 34 -7.17 -7.62 -3.11
N TRP A 35 -6.22 -6.69 -3.20
CA TRP A 35 -6.38 -5.48 -4.01
C TRP A 35 -5.00 -4.88 -4.29
N THR A 36 -4.93 -3.98 -5.28
CA THR A 36 -3.69 -3.29 -5.59
C THR A 36 -3.43 -2.08 -4.69
N ALA A 37 -2.30 -2.09 -3.99
CA ALA A 37 -1.87 -0.97 -3.16
C ALA A 37 -0.95 -0.06 -3.98
N PHE A 38 -0.73 1.17 -3.49
CA PHE A 38 0.14 2.13 -4.16
C PHE A 38 0.83 3.10 -3.21
N LYS A 39 1.96 3.67 -3.65
CA LYS A 39 2.73 4.62 -2.87
C LYS A 39 1.93 5.91 -2.69
N ASP A 40 2.20 6.64 -1.61
CA ASP A 40 1.47 7.86 -1.28
C ASP A 40 2.39 8.82 -0.52
N GLU A 41 3.71 8.61 -0.63
CA GLU A 41 4.69 9.46 0.03
C GLU A 41 4.76 10.83 -0.63
N ALA A 42 4.32 10.91 -1.90
CA ALA A 42 4.37 12.13 -2.68
C ALA A 42 3.30 12.09 -3.78
N GLU A 43 3.01 13.24 -4.38
CA GLU A 43 2.02 13.34 -5.43
C GLU A 43 2.36 14.50 -6.36
N LEU A 44 2.00 14.38 -7.64
CA LEU A 44 2.28 15.40 -8.64
C LEU A 44 1.45 16.65 -8.38
N GLU A 45 1.97 17.82 -8.73
CA GLU A 45 1.27 19.09 -8.54
C GLU A 45 0.04 19.17 -9.44
N LEU A 46 -0.89 20.07 -9.10
CA LEU A 46 -2.11 20.24 -9.87
C LEU A 46 -1.81 20.92 -11.20
N VAL A 47 -2.69 20.72 -12.19
CA VAL A 47 -2.54 21.30 -13.51
C VAL A 47 -2.76 22.82 -13.46
N PRO A 48 -1.87 23.61 -14.09
CA PRO A 48 -1.95 25.07 -14.08
C PRO A 48 -3.10 25.59 -14.94
N ARG A 49 -3.80 24.69 -15.64
CA ARG A 49 -4.91 25.06 -16.51
C ARG A 49 -6.07 25.65 -15.70
ZN ZN B . -9.50 -7.76 5.73
N MET A 1 5.09 1.29 5.73
CA MET A 1 3.82 1.87 5.29
C MET A 1 2.64 1.08 5.85
N ILE A 2 1.43 1.65 5.79
CA ILE A 2 0.25 1.01 6.34
C ILE A 2 -0.94 1.20 5.40
N LEU A 3 -1.82 0.19 5.33
CA LEU A 3 -2.98 0.24 4.46
C LEU A 3 -4.23 -0.20 5.24
N THR A 4 -5.39 0.35 4.87
CA THR A 4 -6.66 -0.06 5.47
C THR A 4 -7.39 -1.13 4.67
N CYS A 5 -7.93 -2.15 5.36
CA CYS A 5 -8.67 -3.22 4.72
C CYS A 5 -10.08 -2.78 4.38
N PRO A 6 -10.55 -3.05 3.15
CA PRO A 6 -11.93 -2.78 2.74
C PRO A 6 -12.94 -3.60 3.53
N GLU A 7 -12.49 -4.68 4.19
CA GLU A 7 -13.39 -5.60 4.87
C GLU A 7 -13.20 -5.55 6.40
N CYS A 8 -11.94 -5.49 6.86
CA CYS A 8 -11.68 -5.43 8.30
C CYS A 8 -11.83 -3.99 8.80
N ALA A 9 -11.86 -3.02 7.88
CA ALA A 9 -11.98 -1.61 8.21
C ALA A 9 -10.92 -1.21 9.24
N SER A 10 -9.74 -1.82 9.14
CA SER A 10 -8.67 -1.63 10.11
C SER A 10 -7.34 -1.57 9.38
N ARG A 11 -6.32 -1.00 10.04
CA ARG A 11 -5.02 -0.78 9.42
C ARG A 11 -4.13 -2.01 9.55
N TYR A 12 -3.22 -2.18 8.59
CA TYR A 12 -2.23 -3.24 8.58
C TYR A 12 -0.94 -2.81 7.90
N PHE A 13 0.21 -3.16 8.49
CA PHE A 13 1.50 -2.63 8.04
C PHE A 13 2.37 -3.59 7.24
N VAL A 14 3.15 -3.02 6.31
CA VAL A 14 4.09 -3.75 5.47
C VAL A 14 5.33 -2.89 5.22
N ASP A 15 6.42 -3.52 4.77
CA ASP A 15 7.64 -2.80 4.44
C ASP A 15 7.44 -1.89 3.23
N ASP A 16 8.20 -0.79 3.17
CA ASP A 16 8.08 0.17 2.08
C ASP A 16 8.52 -0.40 0.73
N SER A 17 9.17 -1.56 0.73
CA SER A 17 9.64 -2.21 -0.48
C SER A 17 8.52 -3.03 -1.13
N LYS A 18 7.41 -3.24 -0.40
CA LYS A 18 6.32 -4.06 -0.89
C LYS A 18 5.44 -3.29 -1.88
N VAL A 19 5.67 -1.98 -2.02
CA VAL A 19 4.89 -1.13 -2.91
C VAL A 19 5.78 -0.10 -3.59
N GLY A 20 5.51 0.19 -4.87
CA GLY A 20 6.25 1.20 -5.62
C GLY A 20 5.29 2.19 -6.27
N PRO A 21 5.84 3.17 -7.00
CA PRO A 21 5.07 4.21 -7.66
C PRO A 21 4.33 3.62 -8.87
N ASP A 22 4.79 2.47 -9.37
CA ASP A 22 4.12 1.75 -10.44
C ASP A 22 2.94 0.93 -9.91
N GLY A 23 2.78 0.92 -8.58
CA GLY A 23 1.71 0.18 -7.91
C GLY A 23 2.06 -1.30 -7.76
N ARG A 24 1.46 -1.95 -6.75
CA ARG A 24 1.66 -3.36 -6.47
C ARG A 24 0.49 -3.88 -5.64
N VAL A 25 0.10 -5.13 -5.85
CA VAL A 25 -1.00 -5.74 -5.11
C VAL A 25 -0.57 -6.18 -3.70
N VAL A 26 -1.52 -6.13 -2.76
CA VAL A 26 -1.27 -6.55 -1.38
C VAL A 26 -2.38 -7.46 -0.89
N ARG A 27 -2.19 -8.06 0.29
CA ARG A 27 -3.17 -8.99 0.85
C ARG A 27 -3.37 -8.73 2.35
N CYS A 28 -4.59 -8.98 2.84
CA CYS A 28 -4.94 -8.79 4.23
C CYS A 28 -4.50 -9.98 5.06
N ALA A 29 -3.92 -9.72 6.23
CA ALA A 29 -3.53 -10.76 7.16
C ALA A 29 -4.73 -11.23 7.99
N SER A 30 -5.86 -10.51 7.91
CA SER A 30 -7.00 -10.76 8.78
C SER A 30 -8.20 -11.37 8.06
N CYS A 31 -8.26 -11.27 6.72
CA CYS A 31 -9.36 -11.87 5.96
C CYS A 31 -8.93 -12.36 4.57
N GLY A 32 -7.67 -12.13 4.18
CA GLY A 32 -7.13 -12.66 2.94
C GLY A 32 -7.59 -11.87 1.72
N ASN A 33 -8.32 -10.78 1.94
CA ASN A 33 -8.75 -9.89 0.86
C ASN A 33 -7.53 -9.29 0.16
N ARG A 34 -7.68 -8.94 -1.13
CA ARG A 34 -6.58 -8.40 -1.91
C ARG A 34 -7.03 -7.20 -2.73
N TRP A 35 -6.13 -6.24 -2.91
CA TRP A 35 -6.40 -5.04 -3.68
C TRP A 35 -5.07 -4.40 -4.10
N THR A 36 -5.09 -3.58 -5.14
CA THR A 36 -3.90 -2.87 -5.60
C THR A 36 -3.54 -1.68 -4.71
N ALA A 37 -2.24 -1.51 -4.44
CA ALA A 37 -1.73 -0.40 -3.65
C ALA A 37 -0.74 0.40 -4.46
N PHE A 38 -0.42 1.62 -4.01
CA PHE A 38 0.54 2.47 -4.68
C PHE A 38 1.29 3.42 -3.75
N LYS A 39 2.57 3.68 -4.04
CA LYS A 39 3.40 4.55 -3.22
C LYS A 39 3.13 6.01 -3.57
N ASP A 40 3.41 6.91 -2.63
CA ASP A 40 3.20 8.34 -2.81
C ASP A 40 4.30 9.13 -2.09
N GLU A 41 5.17 8.41 -1.35
CA GLU A 41 6.28 9.04 -0.65
C GLU A 41 7.41 9.42 -1.61
N ALA A 42 7.46 8.78 -2.78
CA ALA A 42 8.52 8.98 -3.74
C ALA A 42 8.09 8.51 -5.12
N GLU A 43 8.76 9.01 -6.16
CA GLU A 43 8.48 8.66 -7.55
C GLU A 43 9.72 8.88 -8.41
N LEU A 44 9.87 8.11 -9.49
CA LEU A 44 11.01 8.22 -10.38
C LEU A 44 10.95 9.54 -11.15
N GLU A 45 12.11 10.01 -11.62
CA GLU A 45 12.18 11.23 -12.41
C GLU A 45 11.64 11.00 -13.81
N LEU A 46 11.16 12.07 -14.46
CA LEU A 46 10.56 12.03 -15.79
C LEU A 46 9.36 11.07 -15.84
N VAL A 47 8.77 10.92 -17.02
CA VAL A 47 7.63 10.03 -17.22
C VAL A 47 8.08 8.57 -17.08
N PRO A 48 7.37 7.75 -16.29
CA PRO A 48 7.73 6.36 -16.04
C PRO A 48 7.47 5.47 -17.27
N ARG A 49 6.74 5.99 -18.26
CA ARG A 49 6.43 5.24 -19.46
C ARG A 49 7.66 5.10 -20.35
ZN ZN B . -9.20 -7.77 5.94
N MET A 1 5.26 1.99 5.49
CA MET A 1 3.94 2.45 5.02
C MET A 1 2.84 1.60 5.64
N ILE A 2 1.58 2.02 5.50
CA ILE A 2 0.46 1.30 6.09
C ILE A 2 -0.71 1.27 5.11
N LEU A 3 -1.53 0.22 5.19
CA LEU A 3 -2.66 0.02 4.31
C LEU A 3 -3.91 -0.34 5.12
N THR A 4 -5.09 0.04 4.61
CA THR A 4 -6.35 -0.27 5.27
C THR A 4 -7.22 -1.24 4.47
N CYS A 5 -7.77 -2.26 5.16
CA CYS A 5 -8.64 -3.23 4.54
C CYS A 5 -10.04 -2.65 4.39
N PRO A 6 -10.68 -2.82 3.22
CA PRO A 6 -12.02 -2.36 2.98
C PRO A 6 -13.04 -3.25 3.70
N GLU A 7 -12.63 -4.43 4.15
CA GLU A 7 -13.52 -5.36 4.85
C GLU A 7 -13.29 -5.37 6.34
N CYS A 8 -12.02 -5.33 6.78
CA CYS A 8 -11.70 -5.32 8.21
C CYS A 8 -11.73 -3.88 8.74
N ALA A 9 -11.61 -2.89 7.86
CA ALA A 9 -11.61 -1.49 8.22
C ALA A 9 -10.53 -1.21 9.27
N SER A 10 -9.39 -1.89 9.14
CA SER A 10 -8.30 -1.81 10.09
C SER A 10 -6.98 -1.65 9.35
N ARG A 11 -6.01 -0.99 9.98
CA ARG A 11 -4.72 -0.70 9.37
C ARG A 11 -3.74 -1.86 9.56
N TYR A 12 -2.80 -1.99 8.62
CA TYR A 12 -1.75 -2.98 8.67
C TYR A 12 -0.48 -2.50 7.96
N PHE A 13 0.68 -2.66 8.61
CA PHE A 13 1.92 -2.07 8.14
C PHE A 13 2.85 -3.00 7.38
N VAL A 14 3.58 -2.43 6.40
CA VAL A 14 4.54 -3.15 5.58
C VAL A 14 5.71 -2.23 5.24
N ASP A 15 6.82 -2.82 4.81
CA ASP A 15 7.98 -2.04 4.38
C ASP A 15 7.69 -1.25 3.12
N ASP A 16 8.36 -0.11 2.94
CA ASP A 16 8.13 0.76 1.79
C ASP A 16 8.53 0.09 0.48
N SER A 17 9.29 -1.01 0.56
CA SER A 17 9.75 -1.74 -0.62
C SER A 17 8.67 -2.68 -1.14
N LYS A 18 7.60 -2.90 -0.36
CA LYS A 18 6.52 -3.81 -0.73
C LYS A 18 5.58 -3.17 -1.75
N VAL A 19 5.73 -1.86 -2.00
CA VAL A 19 4.91 -1.13 -2.95
C VAL A 19 5.76 -0.14 -3.74
N GLY A 20 5.70 -0.22 -5.07
CA GLY A 20 6.45 0.68 -5.94
C GLY A 20 5.66 1.93 -6.28
N PRO A 21 6.22 2.81 -7.10
CA PRO A 21 5.59 4.04 -7.53
C PRO A 21 4.44 3.74 -8.51
N ASP A 22 4.46 2.54 -9.07
CA ASP A 22 3.41 2.06 -9.97
C ASP A 22 2.37 1.20 -9.25
N GLY A 23 2.51 1.06 -7.93
CA GLY A 23 1.61 0.27 -7.11
C GLY A 23 1.96 -1.21 -7.18
N ARG A 24 1.45 -1.98 -6.22
CA ARG A 24 1.69 -3.42 -6.12
C ARG A 24 0.55 -4.08 -5.35
N VAL A 25 0.22 -5.32 -5.71
CA VAL A 25 -0.88 -6.03 -5.08
C VAL A 25 -0.51 -6.48 -3.66
N VAL A 26 -1.51 -6.53 -2.77
CA VAL A 26 -1.35 -6.96 -1.38
C VAL A 26 -2.51 -7.85 -0.95
N ARG A 27 -2.38 -8.52 0.20
CA ARG A 27 -3.41 -9.41 0.71
C ARG A 27 -3.61 -9.19 2.21
N CYS A 28 -4.87 -9.28 2.66
CA CYS A 28 -5.24 -9.08 4.05
C CYS A 28 -4.90 -10.31 4.88
N ALA A 29 -4.31 -10.11 6.05
CA ALA A 29 -4.01 -11.19 6.97
C ALA A 29 -5.25 -11.56 7.79
N SER A 30 -6.33 -10.76 7.70
CA SER A 30 -7.49 -10.92 8.57
C SER A 30 -8.72 -11.43 7.83
N CYS A 31 -8.75 -11.35 6.49
CA CYS A 31 -9.89 -11.86 5.73
C CYS A 31 -9.48 -12.39 4.34
N GLY A 32 -8.20 -12.27 3.98
CA GLY A 32 -7.69 -12.85 2.74
C GLY A 32 -8.06 -12.01 1.52
N ASN A 33 -8.68 -10.85 1.73
CA ASN A 33 -9.03 -9.94 0.64
C ASN A 33 -7.78 -9.48 -0.09
N ARG A 34 -7.92 -9.13 -1.37
CA ARG A 34 -6.78 -8.76 -2.22
C ARG A 34 -7.13 -7.53 -3.06
N TRP A 35 -6.17 -6.59 -3.16
CA TRP A 35 -6.34 -5.38 -3.95
C TRP A 35 -4.97 -4.78 -4.25
N THR A 36 -4.92 -3.86 -5.23
CA THR A 36 -3.69 -3.15 -5.56
C THR A 36 -3.42 -1.98 -4.61
N ALA A 37 -2.28 -2.01 -3.94
CA ALA A 37 -1.83 -0.93 -3.06
C ALA A 37 -1.06 0.10 -3.88
N PHE A 38 -0.95 1.33 -3.35
CA PHE A 38 -0.26 2.42 -4.03
C PHE A 38 0.65 3.24 -3.13
N LYS A 39 1.40 4.15 -3.74
CA LYS A 39 2.38 4.98 -3.03
C LYS A 39 2.20 6.45 -3.41
N ASP A 40 2.61 7.35 -2.51
CA ASP A 40 2.49 8.79 -2.74
C ASP A 40 3.59 9.55 -1.99
N GLU A 41 4.21 8.90 -0.98
CA GLU A 41 5.28 9.51 -0.20
C GLU A 41 6.57 9.63 -1.01
N ALA A 42 6.68 8.85 -2.09
CA ALA A 42 7.89 8.80 -2.90
C ALA A 42 7.57 8.27 -4.30
N GLU A 43 6.38 8.60 -4.80
CA GLU A 43 5.93 8.13 -6.11
C GLU A 43 6.81 8.70 -7.23
N LEU A 44 7.57 9.75 -6.92
CA LEU A 44 8.46 10.39 -7.88
C LEU A 44 9.66 9.48 -8.22
N GLU A 45 9.70 8.28 -7.63
CA GLU A 45 10.74 7.30 -7.88
C GLU A 45 10.61 6.70 -9.28
N LEU A 46 9.49 6.94 -9.96
CA LEU A 46 9.24 6.40 -11.29
C LEU A 46 10.29 6.88 -12.29
N VAL A 47 10.44 6.14 -13.40
CA VAL A 47 11.40 6.48 -14.43
C VAL A 47 11.02 7.79 -15.12
N PRO A 48 11.97 8.71 -15.29
CA PRO A 48 11.73 10.01 -15.93
C PRO A 48 11.43 9.84 -17.42
N ARG A 49 10.86 10.88 -18.02
CA ARG A 49 10.52 10.89 -19.44
C ARG A 49 11.79 10.90 -20.28
ZN ZN B . -9.44 -7.77 5.73
N MET A 1 5.16 1.48 5.67
CA MET A 1 3.87 2.02 5.19
C MET A 1 2.72 1.20 5.76
N ILE A 2 1.49 1.72 5.64
CA ILE A 2 0.31 1.05 6.19
C ILE A 2 -0.85 1.17 5.21
N LEU A 3 -1.72 0.14 5.20
CA LEU A 3 -2.88 0.09 4.32
C LEU A 3 -4.12 -0.32 5.12
N THR A 4 -5.29 0.16 4.71
CA THR A 4 -6.56 -0.20 5.36
C THR A 4 -7.37 -1.22 4.57
N CYS A 5 -7.89 -2.24 5.26
CA CYS A 5 -8.72 -3.25 4.63
C CYS A 5 -10.15 -2.72 4.45
N PRO A 6 -10.75 -2.95 3.28
CA PRO A 6 -12.13 -2.54 3.01
C PRO A 6 -13.11 -3.47 3.74
N GLU A 7 -12.65 -4.64 4.19
CA GLU A 7 -13.52 -5.59 4.87
C GLU A 7 -13.33 -5.55 6.38
N CYS A 8 -12.07 -5.50 6.84
CA CYS A 8 -11.78 -5.46 8.27
C CYS A 8 -11.88 -4.03 8.79
N ALA A 9 -11.82 -3.05 7.88
CA ALA A 9 -11.87 -1.63 8.23
C ALA A 9 -10.80 -1.30 9.27
N SER A 10 -9.63 -1.94 9.13
CA SER A 10 -8.54 -1.82 10.08
C SER A 10 -7.22 -1.70 9.33
N ARG A 11 -6.21 -1.11 9.98
CA ARG A 11 -4.92 -0.87 9.35
C ARG A 11 -4.00 -2.07 9.47
N TYR A 12 -3.08 -2.20 8.52
CA TYR A 12 -2.06 -3.24 8.51
C TYR A 12 -0.77 -2.79 7.84
N PHE A 13 0.37 -3.07 8.47
CA PHE A 13 1.65 -2.51 8.05
C PHE A 13 2.59 -3.45 7.30
N VAL A 14 3.37 -2.87 6.39
CA VAL A 14 4.37 -3.59 5.59
C VAL A 14 5.56 -2.67 5.33
N ASP A 15 6.70 -3.24 4.94
CA ASP A 15 7.86 -2.45 4.58
C ASP A 15 7.61 -1.66 3.30
N ASP A 16 8.31 -0.53 3.15
CA ASP A 16 8.12 0.35 2.00
C ASP A 16 8.56 -0.30 0.69
N SER A 17 9.20 -1.47 0.76
CA SER A 17 9.65 -2.19 -0.42
C SER A 17 8.52 -2.99 -1.07
N LYS A 18 7.42 -3.21 -0.32
CA LYS A 18 6.30 -4.02 -0.80
C LYS A 18 5.46 -3.28 -1.84
N VAL A 19 5.70 -1.97 -2.01
CA VAL A 19 4.93 -1.14 -2.93
C VAL A 19 5.84 -0.13 -3.64
N GLY A 20 5.54 0.17 -4.90
CA GLY A 20 6.29 1.13 -5.68
C GLY A 20 5.36 2.16 -6.31
N PRO A 21 5.93 3.12 -7.07
CA PRO A 21 5.19 4.17 -7.73
C PRO A 21 4.41 3.61 -8.91
N ASP A 22 4.77 2.40 -9.36
CA ASP A 22 4.06 1.70 -10.42
C ASP A 22 2.89 0.88 -9.86
N GLY A 23 2.72 0.88 -8.54
CA GLY A 23 1.66 0.15 -7.88
C GLY A 23 2.04 -1.31 -7.65
N ARG A 24 1.44 -1.94 -6.64
CA ARG A 24 1.71 -3.31 -6.27
C ARG A 24 0.52 -3.85 -5.47
N VAL A 25 0.08 -5.08 -5.78
CA VAL A 25 -1.03 -5.69 -5.07
C VAL A 25 -0.64 -6.12 -3.66
N VAL A 26 -1.61 -6.14 -2.75
CA VAL A 26 -1.38 -6.55 -1.36
C VAL A 26 -2.46 -7.51 -0.89
N ARG A 27 -2.27 -8.09 0.31
CA ARG A 27 -3.22 -9.04 0.87
C ARG A 27 -3.44 -8.76 2.35
N CYS A 28 -4.66 -9.05 2.82
CA CYS A 28 -5.04 -8.83 4.21
C CYS A 28 -4.60 -10.00 5.08
N ALA A 29 -4.08 -9.70 6.27
CA ALA A 29 -3.70 -10.72 7.23
C ALA A 29 -4.93 -11.22 8.02
N SER A 30 -6.06 -10.52 7.90
CA SER A 30 -7.22 -10.79 8.73
C SER A 30 -8.40 -11.39 7.97
N CYS A 31 -8.42 -11.29 6.63
CA CYS A 31 -9.50 -11.90 5.85
C CYS A 31 -9.03 -12.39 4.48
N GLY A 32 -7.75 -12.18 4.13
CA GLY A 32 -7.18 -12.73 2.90
C GLY A 32 -7.61 -11.94 1.68
N ASN A 33 -8.37 -10.85 1.87
CA ASN A 33 -8.79 -9.99 0.79
C ASN A 33 -7.58 -9.36 0.11
N ARG A 34 -7.71 -9.01 -1.17
CA ARG A 34 -6.60 -8.46 -1.94
C ARG A 34 -7.05 -7.25 -2.76
N TRP A 35 -6.16 -6.28 -2.92
CA TRP A 35 -6.42 -5.08 -3.70
C TRP A 35 -5.10 -4.44 -4.10
N THR A 36 -5.11 -3.60 -5.14
CA THR A 36 -3.93 -2.86 -5.56
C THR A 36 -3.59 -1.68 -4.67
N ALA A 37 -2.30 -1.51 -4.36
CA ALA A 37 -1.82 -0.40 -3.57
C ALA A 37 -0.79 0.40 -4.37
N PHE A 38 -0.50 1.63 -3.93
CA PHE A 38 0.48 2.48 -4.59
C PHE A 38 1.25 3.41 -3.65
N LYS A 39 2.51 3.68 -3.98
CA LYS A 39 3.37 4.54 -3.16
C LYS A 39 3.04 6.02 -3.40
N ASP A 40 3.37 6.87 -2.41
CA ASP A 40 3.10 8.30 -2.47
C ASP A 40 4.19 9.03 -1.68
N GLU A 41 5.36 8.41 -1.57
CA GLU A 41 6.49 8.97 -0.83
C GLU A 41 7.07 10.18 -1.57
N ALA A 42 6.81 10.28 -2.87
CA ALA A 42 7.33 11.35 -3.71
C ALA A 42 6.47 11.52 -4.95
N GLU A 43 6.41 12.74 -5.48
CA GLU A 43 5.61 13.06 -6.64
C GLU A 43 6.25 14.23 -7.41
N LEU A 44 5.80 14.45 -8.65
CA LEU A 44 6.32 15.50 -9.50
C LEU A 44 5.89 16.87 -8.95
N GLU A 45 6.64 17.92 -9.31
CA GLU A 45 6.36 19.27 -8.87
C GLU A 45 5.06 19.79 -9.49
N LEU A 46 4.33 20.63 -8.76
CA LEU A 46 3.08 21.20 -9.22
C LEU A 46 2.83 22.55 -8.55
N VAL A 47 2.14 23.45 -9.24
CA VAL A 47 1.86 24.80 -8.73
C VAL A 47 0.92 24.73 -7.52
N PRO A 48 1.06 25.67 -6.58
CA PRO A 48 0.24 25.74 -5.38
C PRO A 48 -1.17 26.24 -5.71
N ARG A 49 -1.34 26.92 -6.84
CA ARG A 49 -2.63 27.46 -7.25
C ARG A 49 -2.64 27.71 -8.76
ZN ZN B . -9.34 -7.81 5.84
N MET A 1 4.98 1.63 5.30
CA MET A 1 3.64 1.71 4.67
C MET A 1 2.58 1.09 5.57
N ILE A 2 1.36 1.64 5.53
CA ILE A 2 0.21 1.03 6.19
C ILE A 2 -1.00 1.18 5.26
N LEU A 3 -1.86 0.17 5.24
CA LEU A 3 -3.01 0.13 4.35
C LEU A 3 -4.25 -0.29 5.14
N THR A 4 -5.42 0.20 4.72
CA THR A 4 -6.70 -0.18 5.33
C THR A 4 -7.46 -1.23 4.54
N CYS A 5 -7.99 -2.23 5.24
CA CYS A 5 -8.80 -3.27 4.63
C CYS A 5 -10.22 -2.77 4.43
N PRO A 6 -10.82 -3.00 3.24
CA PRO A 6 -12.20 -2.62 2.99
C PRO A 6 -13.17 -3.55 3.72
N GLU A 7 -12.68 -4.70 4.20
CA GLU A 7 -13.54 -5.67 4.89
C GLU A 7 -13.31 -5.64 6.40
N CYS A 8 -12.05 -5.51 6.84
CA CYS A 8 -11.74 -5.47 8.27
C CYS A 8 -11.83 -4.03 8.79
N ALA A 9 -11.83 -3.06 7.89
CA ALA A 9 -11.91 -1.64 8.22
C ALA A 9 -10.85 -1.26 9.24
N SER A 10 -9.68 -1.90 9.15
CA SER A 10 -8.59 -1.70 10.09
C SER A 10 -7.27 -1.55 9.36
N ARG A 11 -6.25 -1.03 10.06
CA ARG A 11 -4.95 -0.75 9.46
C ARG A 11 -4.07 -2.00 9.48
N TYR A 12 -3.14 -2.08 8.53
CA TYR A 12 -2.15 -3.14 8.47
C TYR A 12 -0.84 -2.69 7.83
N PHE A 13 0.28 -2.99 8.49
CA PHE A 13 1.58 -2.44 8.10
C PHE A 13 2.47 -3.38 7.28
N VAL A 14 3.30 -2.81 6.41
CA VAL A 14 4.25 -3.54 5.60
C VAL A 14 5.42 -2.64 5.22
N ASP A 15 6.55 -3.25 4.85
CA ASP A 15 7.74 -2.51 4.45
C ASP A 15 7.51 -1.74 3.15
N ASP A 16 8.24 -0.64 2.97
CA ASP A 16 8.11 0.20 1.79
C ASP A 16 8.59 -0.50 0.51
N SER A 17 9.21 -1.67 0.65
CA SER A 17 9.67 -2.46 -0.48
C SER A 17 8.51 -3.22 -1.13
N LYS A 18 7.38 -3.33 -0.43
CA LYS A 18 6.22 -4.06 -0.89
C LYS A 18 5.51 -3.31 -2.03
N VAL A 19 5.76 -2.01 -2.15
CA VAL A 19 5.06 -1.19 -3.14
C VAL A 19 6.01 -0.17 -3.77
N GLY A 20 5.75 0.18 -5.03
CA GLY A 20 6.54 1.18 -5.76
C GLY A 20 5.64 2.25 -6.36
N PRO A 21 6.21 3.15 -7.18
CA PRO A 21 5.48 4.23 -7.82
C PRO A 21 4.55 3.68 -8.91
N ASP A 22 4.80 2.44 -9.35
CA ASP A 22 3.97 1.76 -10.32
C ASP A 22 2.83 0.98 -9.67
N GLY A 23 2.79 0.96 -8.34
CA GLY A 23 1.76 0.26 -7.58
C GLY A 23 2.03 -1.24 -7.53
N ARG A 24 1.43 -1.91 -6.55
CA ARG A 24 1.58 -3.35 -6.35
C ARG A 24 0.41 -3.87 -5.54
N VAL A 25 -0.01 -5.11 -5.79
CA VAL A 25 -1.10 -5.74 -5.06
C VAL A 25 -0.67 -6.15 -3.66
N VAL A 26 -1.62 -6.14 -2.71
CA VAL A 26 -1.38 -6.53 -1.33
C VAL A 26 -2.43 -7.53 -0.85
N ARG A 27 -2.24 -8.10 0.33
CA ARG A 27 -3.15 -9.09 0.90
C ARG A 27 -3.38 -8.82 2.38
N CYS A 28 -4.63 -9.02 2.83
CA CYS A 28 -5.02 -8.80 4.21
C CYS A 28 -4.58 -9.99 5.06
N ALA A 29 -4.02 -9.71 6.24
CA ALA A 29 -3.63 -10.75 7.18
C ALA A 29 -4.83 -11.22 8.00
N SER A 30 -5.97 -10.51 7.89
CA SER A 30 -7.12 -10.77 8.74
C SER A 30 -8.30 -11.39 7.99
N CYS A 31 -8.33 -11.30 6.65
CA CYS A 31 -9.40 -11.93 5.88
C CYS A 31 -8.93 -12.43 4.51
N GLY A 32 -7.66 -12.19 4.15
CA GLY A 32 -7.08 -12.73 2.92
C GLY A 32 -7.51 -11.94 1.70
N ASN A 33 -8.28 -10.87 1.88
CA ASN A 33 -8.72 -10.00 0.80
C ASN A 33 -7.51 -9.37 0.11
N ARG A 34 -7.66 -9.03 -1.17
CA ARG A 34 -6.57 -8.46 -1.96
C ARG A 34 -7.03 -7.23 -2.72
N TRP A 35 -6.13 -6.26 -2.90
CA TRP A 35 -6.40 -5.06 -3.67
C TRP A 35 -5.07 -4.40 -4.07
N THR A 36 -5.11 -3.53 -5.08
CA THR A 36 -3.94 -2.80 -5.52
C THR A 36 -3.57 -1.65 -4.59
N ALA A 37 -2.27 -1.50 -4.31
CA ALA A 37 -1.77 -0.42 -3.48
C ALA A 37 -0.79 0.44 -4.26
N PHE A 38 -0.50 1.64 -3.75
CA PHE A 38 0.45 2.55 -4.35
C PHE A 38 1.23 3.39 -3.33
N LYS A 39 2.49 3.69 -3.64
CA LYS A 39 3.36 4.40 -2.72
C LYS A 39 3.00 5.89 -2.67
N ASP A 40 3.21 6.50 -1.51
CA ASP A 40 2.89 7.92 -1.29
C ASP A 40 3.63 8.41 -0.03
N GLU A 41 4.08 7.49 0.81
CA GLU A 41 4.71 7.82 2.08
C GLU A 41 6.12 8.41 1.86
N ALA A 42 6.71 8.21 0.68
CA ALA A 42 8.07 8.63 0.40
C ALA A 42 8.22 9.20 -1.01
N GLU A 43 7.11 9.66 -1.60
CA GLU A 43 7.13 10.26 -2.93
C GLU A 43 7.72 11.66 -2.88
N LEU A 44 8.15 12.17 -4.04
CA LEU A 44 8.73 13.50 -4.14
C LEU A 44 7.68 14.56 -3.82
N GLU A 45 8.08 15.62 -3.10
CA GLU A 45 7.19 16.69 -2.71
C GLU A 45 6.77 17.53 -3.92
N LEU A 46 5.65 18.25 -3.79
CA LEU A 46 5.16 19.11 -4.85
C LEU A 46 6.07 20.31 -5.05
N VAL A 47 6.00 20.93 -6.24
CA VAL A 47 6.82 22.08 -6.57
C VAL A 47 6.43 23.31 -5.74
N PRO A 48 7.39 24.20 -5.45
CA PRO A 48 7.14 25.42 -4.69
C PRO A 48 6.32 26.40 -5.53
N ARG A 49 5.71 27.37 -4.85
CA ARG A 49 4.89 28.40 -5.50
C ARG A 49 5.77 29.36 -6.29
ZN ZN B . -9.32 -7.84 5.85
N MET A 1 5.18 1.56 5.61
CA MET A 1 3.89 2.07 5.13
C MET A 1 2.74 1.26 5.73
N ILE A 2 1.51 1.77 5.62
CA ILE A 2 0.35 1.11 6.18
C ILE A 2 -0.83 1.21 5.21
N LEU A 3 -1.69 0.19 5.22
CA LEU A 3 -2.85 0.11 4.34
C LEU A 3 -4.09 -0.27 5.14
N THR A 4 -5.26 0.20 4.70
CA THR A 4 -6.53 -0.16 5.34
C THR A 4 -7.30 -1.22 4.55
N CYS A 5 -7.83 -2.22 5.26
CA CYS A 5 -8.60 -3.28 4.62
C CYS A 5 -10.00 -2.80 4.27
N PRO A 6 -10.48 -3.08 3.04
CA PRO A 6 -11.84 -2.75 2.62
C PRO A 6 -12.87 -3.53 3.43
N GLU A 7 -12.46 -4.61 4.10
CA GLU A 7 -13.39 -5.49 4.80
C GLU A 7 -13.19 -5.44 6.31
N CYS A 8 -11.93 -5.44 6.78
CA CYS A 8 -11.66 -5.38 8.21
C CYS A 8 -11.78 -3.93 8.71
N ALA A 9 -11.76 -2.97 7.79
CA ALA A 9 -11.85 -1.55 8.11
C ALA A 9 -10.79 -1.16 9.14
N SER A 10 -9.62 -1.82 9.06
CA SER A 10 -8.55 -1.65 10.03
C SER A 10 -7.21 -1.56 9.30
N ARG A 11 -6.21 -0.95 9.95
CA ARG A 11 -4.91 -0.72 9.35
C ARG A 11 -4.00 -1.92 9.51
N TYR A 12 -3.07 -2.10 8.57
CA TYR A 12 -2.07 -3.13 8.59
C TYR A 12 -0.77 -2.71 7.90
N PHE A 13 0.37 -2.98 8.53
CA PHE A 13 1.64 -2.43 8.09
C PHE A 13 2.53 -3.39 7.30
N VAL A 14 3.31 -2.82 6.36
CA VAL A 14 4.26 -3.55 5.52
C VAL A 14 5.46 -2.67 5.25
N ASP A 15 6.57 -3.27 4.81
CA ASP A 15 7.77 -2.53 4.44
C ASP A 15 7.52 -1.68 3.20
N ASP A 16 8.26 -0.58 3.06
CA ASP A 16 8.11 0.33 1.93
C ASP A 16 8.55 -0.32 0.61
N SER A 17 9.20 -1.48 0.68
CA SER A 17 9.63 -2.21 -0.50
C SER A 17 8.50 -3.06 -1.07
N LYS A 18 7.41 -3.21 -0.31
CA LYS A 18 6.26 -4.00 -0.71
C LYS A 18 5.46 -3.30 -1.81
N VAL A 19 5.63 -1.97 -1.94
CA VAL A 19 4.87 -1.17 -2.88
C VAL A 19 5.75 -0.11 -3.53
N GLY A 20 5.48 0.20 -4.80
CA GLY A 20 6.23 1.21 -5.54
C GLY A 20 5.29 2.24 -6.17
N PRO A 21 5.86 3.18 -6.94
CA PRO A 21 5.12 4.23 -7.61
C PRO A 21 4.33 3.65 -8.78
N ASP A 22 4.71 2.46 -9.24
CA ASP A 22 4.00 1.74 -10.28
C ASP A 22 2.85 0.91 -9.72
N GLY A 23 2.71 0.91 -8.38
CA GLY A 23 1.66 0.18 -7.69
C GLY A 23 1.99 -1.32 -7.56
N ARG A 24 1.38 -1.97 -6.57
CA ARG A 24 1.57 -3.39 -6.34
C ARG A 24 0.38 -3.92 -5.54
N VAL A 25 -0.02 -5.16 -5.80
CA VAL A 25 -1.14 -5.77 -5.09
C VAL A 25 -0.73 -6.24 -3.70
N VAL A 26 -1.67 -6.22 -2.75
CA VAL A 26 -1.43 -6.64 -1.38
C VAL A 26 -2.51 -7.61 -0.90
N ARG A 27 -2.29 -8.23 0.26
CA ARG A 27 -3.22 -9.20 0.82
C ARG A 27 -3.41 -8.97 2.32
N CYS A 28 -4.65 -9.13 2.80
CA CYS A 28 -5.00 -8.92 4.18
C CYS A 28 -4.57 -10.11 5.04
N ALA A 29 -4.00 -9.82 6.21
CA ALA A 29 -3.62 -10.86 7.16
C ALA A 29 -4.83 -11.30 7.99
N SER A 30 -5.97 -10.60 7.87
CA SER A 30 -7.11 -10.83 8.74
C SER A 30 -8.31 -11.42 8.01
N CYS A 31 -8.36 -11.31 6.67
CA CYS A 31 -9.46 -11.90 5.91
C CYS A 31 -9.04 -12.40 4.52
N GLY A 32 -7.77 -12.19 4.14
CA GLY A 32 -7.23 -12.74 2.90
C GLY A 32 -7.66 -11.94 1.68
N ASN A 33 -8.37 -10.82 1.90
CA ASN A 33 -8.81 -9.95 0.82
C ASN A 33 -7.59 -9.36 0.10
N ARG A 34 -7.76 -9.01 -1.17
CA ARG A 34 -6.66 -8.46 -1.98
C ARG A 34 -7.12 -7.25 -2.77
N TRP A 35 -6.22 -6.28 -2.92
CA TRP A 35 -6.49 -5.07 -3.69
C TRP A 35 -5.16 -4.42 -4.07
N THR A 36 -5.18 -3.56 -5.10
CA THR A 36 -3.98 -2.84 -5.51
C THR A 36 -3.62 -1.69 -4.58
N ALA A 37 -2.32 -1.53 -4.32
CA ALA A 37 -1.81 -0.47 -3.47
C ALA A 37 -0.78 0.36 -4.26
N PHE A 38 -0.46 1.55 -3.74
CA PHE A 38 0.52 2.43 -4.36
C PHE A 38 1.28 3.28 -3.35
N LYS A 39 2.55 3.58 -3.66
CA LYS A 39 3.41 4.36 -2.78
C LYS A 39 2.94 5.80 -2.73
N ASP A 40 3.00 6.42 -1.54
CA ASP A 40 2.56 7.79 -1.34
C ASP A 40 3.21 8.35 -0.08
N GLU A 41 4.28 7.70 0.41
CA GLU A 41 4.97 8.12 1.62
C GLU A 41 5.78 9.40 1.38
N ALA A 42 6.07 9.70 0.11
CA ALA A 42 6.90 10.85 -0.25
C ALA A 42 6.65 11.24 -1.70
N GLU A 43 7.05 12.46 -2.07
CA GLU A 43 6.88 12.98 -3.42
C GLU A 43 7.96 14.02 -3.71
N LEU A 44 8.42 14.07 -4.97
CA LEU A 44 9.46 14.99 -5.40
C LEU A 44 10.72 14.86 -4.52
N GLU A 45 10.93 13.67 -3.96
CA GLU A 45 12.08 13.42 -3.09
C GLU A 45 13.37 13.33 -3.91
N LEU A 46 13.26 13.02 -5.21
CA LEU A 46 14.40 12.91 -6.10
C LEU A 46 15.00 14.28 -6.40
N VAL A 47 16.26 14.31 -6.81
CA VAL A 47 16.96 15.56 -7.12
C VAL A 47 16.57 16.08 -8.50
N PRO A 48 16.21 17.37 -8.60
CA PRO A 48 15.75 17.99 -9.84
C PRO A 48 16.86 18.16 -10.86
N ARG A 49 18.08 17.71 -10.55
CA ARG A 49 19.23 17.86 -11.44
C ARG A 49 20.24 16.74 -11.21
ZN ZN B . -9.26 -7.80 5.87
N MET A 1 5.02 1.37 5.27
CA MET A 1 3.69 1.96 4.99
C MET A 1 2.61 1.23 5.76
N ILE A 2 1.38 1.75 5.70
CA ILE A 2 0.23 1.09 6.29
C ILE A 2 -0.97 1.22 5.34
N LEU A 3 -1.82 0.20 5.30
CA LEU A 3 -2.98 0.16 4.41
C LEU A 3 -4.22 -0.27 5.18
N THR A 4 -5.40 0.22 4.76
CA THR A 4 -6.66 -0.15 5.38
C THR A 4 -7.41 -1.22 4.59
N CYS A 5 -7.95 -2.23 5.28
CA CYS A 5 -8.70 -3.30 4.65
C CYS A 5 -10.11 -2.84 4.31
N PRO A 6 -10.59 -3.11 3.09
CA PRO A 6 -11.95 -2.82 2.67
C PRO A 6 -12.98 -3.62 3.47
N GLU A 7 -12.54 -4.71 4.13
CA GLU A 7 -13.45 -5.61 4.82
C GLU A 7 -13.26 -5.55 6.34
N CYS A 8 -12.00 -5.53 6.80
CA CYS A 8 -11.73 -5.46 8.24
C CYS A 8 -11.86 -4.01 8.74
N ALA A 9 -11.87 -3.05 7.81
CA ALA A 9 -11.97 -1.63 8.12
C ALA A 9 -10.92 -1.23 9.16
N SER A 10 -9.73 -1.84 9.06
CA SER A 10 -8.67 -1.66 10.03
C SER A 10 -7.33 -1.56 9.32
N ARG A 11 -6.33 -0.99 9.99
CA ARG A 11 -5.02 -0.75 9.40
C ARG A 11 -4.12 -1.98 9.54
N TYR A 12 -3.19 -2.11 8.58
CA TYR A 12 -2.20 -3.17 8.59
C TYR A 12 -0.92 -2.74 7.87
N PHE A 13 0.24 -3.08 8.44
CA PHE A 13 1.51 -2.54 7.98
C PHE A 13 2.41 -3.50 7.20
N VAL A 14 3.16 -2.95 6.26
CA VAL A 14 4.10 -3.68 5.43
C VAL A 14 5.31 -2.79 5.11
N ASP A 15 6.43 -3.39 4.74
CA ASP A 15 7.62 -2.65 4.38
C ASP A 15 7.41 -1.79 3.13
N ASP A 16 8.17 -0.70 3.00
CA ASP A 16 8.04 0.21 1.88
C ASP A 16 8.48 -0.39 0.55
N SER A 17 9.30 -1.43 0.62
CA SER A 17 9.80 -2.12 -0.57
C SER A 17 8.72 -3.02 -1.18
N LYS A 18 7.62 -3.25 -0.46
CA LYS A 18 6.54 -4.13 -0.93
C LYS A 18 5.64 -3.41 -1.93
N VAL A 19 5.85 -2.11 -2.12
CA VAL A 19 5.03 -1.31 -3.03
C VAL A 19 5.89 -0.28 -3.74
N GLY A 20 5.54 0.03 -5.00
CA GLY A 20 6.29 1.00 -5.80
C GLY A 20 5.35 2.06 -6.38
N PRO A 21 5.92 2.99 -7.16
CA PRO A 21 5.18 4.08 -7.77
C PRO A 21 4.30 3.57 -8.91
N ASP A 22 4.63 2.39 -9.46
CA ASP A 22 3.83 1.76 -10.50
C ASP A 22 2.68 0.98 -9.85
N GLY A 23 2.64 0.98 -8.51
CA GLY A 23 1.63 0.26 -7.75
C GLY A 23 2.00 -1.21 -7.58
N ARG A 24 1.42 -1.86 -6.56
CA ARG A 24 1.69 -3.26 -6.25
C ARG A 24 0.53 -3.79 -5.42
N VAL A 25 0.05 -4.99 -5.75
CA VAL A 25 -1.06 -5.62 -5.02
C VAL A 25 -0.63 -6.07 -3.62
N VAL A 26 -1.59 -6.08 -2.69
CA VAL A 26 -1.34 -6.51 -1.31
C VAL A 26 -2.41 -7.49 -0.85
N ARG A 27 -2.23 -8.08 0.34
CA ARG A 27 -3.18 -9.03 0.90
C ARG A 27 -3.38 -8.78 2.38
N CYS A 28 -4.59 -9.06 2.87
CA CYS A 28 -4.98 -8.86 4.25
C CYS A 28 -4.52 -10.04 5.11
N ALA A 29 -3.99 -9.75 6.29
CA ALA A 29 -3.61 -10.76 7.25
C ALA A 29 -4.82 -11.25 8.05
N SER A 30 -5.97 -10.57 7.92
CA SER A 30 -7.12 -10.82 8.78
C SER A 30 -8.31 -11.44 8.02
N CYS A 31 -8.33 -11.33 6.69
CA CYS A 31 -9.42 -11.93 5.91
C CYS A 31 -8.97 -12.42 4.52
N GLY A 32 -7.70 -12.17 4.16
CA GLY A 32 -7.14 -12.70 2.93
C GLY A 32 -7.58 -11.90 1.70
N ASN A 33 -8.31 -10.81 1.91
CA ASN A 33 -8.74 -9.92 0.84
C ASN A 33 -7.53 -9.30 0.15
N ARG A 34 -7.65 -8.94 -1.12
CA ARG A 34 -6.55 -8.37 -1.88
C ARG A 34 -7.01 -7.15 -2.68
N TRP A 35 -6.10 -6.18 -2.84
CA TRP A 35 -6.37 -4.96 -3.60
C TRP A 35 -5.05 -4.30 -3.97
N THR A 36 -5.08 -3.43 -4.97
CA THR A 36 -3.89 -2.69 -5.40
C THR A 36 -3.50 -1.57 -4.45
N ALA A 37 -2.20 -1.43 -4.19
CA ALA A 37 -1.67 -0.36 -3.36
C ALA A 37 -0.64 0.45 -4.16
N PHE A 38 -0.28 1.63 -3.65
CA PHE A 38 0.71 2.48 -4.29
C PHE A 38 1.55 3.30 -3.32
N LYS A 39 2.79 3.61 -3.71
CA LYS A 39 3.71 4.37 -2.86
C LYS A 39 3.23 5.81 -2.73
N ASP A 40 3.51 6.43 -1.58
CA ASP A 40 3.14 7.81 -1.31
C ASP A 40 4.13 8.44 -0.32
N GLU A 41 4.84 7.61 0.45
CA GLU A 41 5.86 8.06 1.38
C GLU A 41 7.07 8.61 0.64
N ALA A 42 7.20 8.28 -0.65
CA ALA A 42 8.37 8.64 -1.42
C ALA A 42 8.02 8.78 -2.91
N GLU A 43 6.76 9.14 -3.18
CA GLU A 43 6.28 9.31 -4.54
C GLU A 43 5.18 10.37 -4.57
N LEU A 44 5.15 11.18 -5.64
CA LEU A 44 4.21 12.28 -5.83
C LEU A 44 4.33 13.34 -4.72
N GLU A 45 5.22 13.12 -3.75
CA GLU A 45 5.46 14.03 -2.63
C GLU A 45 6.94 14.08 -2.29
N LEU A 46 7.37 15.14 -1.60
CA LEU A 46 8.77 15.34 -1.25
C LEU A 46 9.69 15.31 -2.47
N VAL A 47 9.13 15.56 -3.65
CA VAL A 47 9.89 15.55 -4.90
C VAL A 47 10.88 16.72 -4.93
N PRO A 48 12.02 16.56 -5.62
CA PRO A 48 13.06 17.57 -5.74
C PRO A 48 12.64 18.70 -6.67
N ARG A 49 11.52 18.54 -7.40
CA ARG A 49 11.02 19.54 -8.33
C ARG A 49 10.56 20.79 -7.59
ZN ZN B . -9.28 -7.84 5.89
N MET A 1 5.31 1.62 5.80
CA MET A 1 4.03 2.14 5.29
C MET A 1 2.88 1.31 5.85
N ILE A 2 1.64 1.82 5.70
CA ILE A 2 0.47 1.14 6.24
C ILE A 2 -0.68 1.21 5.23
N LEU A 3 -1.54 0.19 5.24
CA LEU A 3 -2.69 0.09 4.33
C LEU A 3 -3.93 -0.30 5.12
N THR A 4 -5.10 0.16 4.65
CA THR A 4 -6.38 -0.17 5.26
C THR A 4 -7.17 -1.22 4.49
N CYS A 5 -7.74 -2.19 5.20
CA CYS A 5 -8.52 -3.25 4.58
C CYS A 5 -9.91 -2.74 4.21
N PRO A 6 -10.37 -3.01 2.98
CA PRO A 6 -11.72 -2.66 2.54
C PRO A 6 -12.79 -3.41 3.34
N GLU A 7 -12.41 -4.49 4.03
CA GLU A 7 -13.36 -5.34 4.73
C GLU A 7 -13.19 -5.26 6.25
N CYS A 8 -11.94 -5.27 6.74
CA CYS A 8 -11.67 -5.19 8.17
C CYS A 8 -11.76 -3.74 8.65
N ALA A 9 -11.71 -2.79 7.71
CA ALA A 9 -11.76 -1.36 7.99
C ALA A 9 -10.70 -0.99 9.03
N SER A 10 -9.56 -1.68 8.98
CA SER A 10 -8.50 -1.52 9.96
C SER A 10 -7.14 -1.47 9.27
N ARG A 11 -6.16 -0.87 9.91
CA ARG A 11 -4.85 -0.66 9.32
C ARG A 11 -3.94 -1.87 9.52
N TYR A 12 -2.99 -2.04 8.60
CA TYR A 12 -1.98 -3.09 8.67
C TYR A 12 -0.69 -2.66 7.99
N PHE A 13 0.45 -2.89 8.63
CA PHE A 13 1.73 -2.35 8.19
C PHE A 13 2.62 -3.31 7.41
N VAL A 14 3.39 -2.76 6.47
CA VAL A 14 4.34 -3.50 5.65
C VAL A 14 5.55 -2.62 5.35
N ASP A 15 6.65 -3.23 4.90
CA ASP A 15 7.83 -2.49 4.52
C ASP A 15 7.59 -1.61 3.29
N ASP A 16 8.34 -0.50 3.18
CA ASP A 16 8.18 0.42 2.07
C ASP A 16 8.60 -0.16 0.72
N SER A 17 9.40 -1.23 0.74
CA SER A 17 9.86 -1.89 -0.46
C SER A 17 8.77 -2.78 -1.06
N LYS A 18 7.68 -3.01 -0.32
CA LYS A 18 6.60 -3.88 -0.78
C LYS A 18 5.68 -3.17 -1.77
N VAL A 19 5.85 -1.86 -1.95
CA VAL A 19 5.03 -1.06 -2.85
C VAL A 19 5.87 -0.01 -3.56
N GLY A 20 5.53 0.27 -4.82
CA GLY A 20 6.22 1.29 -5.61
C GLY A 20 5.25 2.29 -6.22
N PRO A 21 5.76 3.25 -6.99
CA PRO A 21 4.96 4.27 -7.64
C PRO A 21 4.15 3.67 -8.77
N ASP A 22 4.58 2.52 -9.31
CA ASP A 22 3.84 1.80 -10.32
C ASP A 22 2.70 0.96 -9.72
N GLY A 23 2.61 0.94 -8.38
CA GLY A 23 1.60 0.18 -7.66
C GLY A 23 2.00 -1.28 -7.50
N ARG A 24 1.38 -1.97 -6.54
CA ARG A 24 1.63 -3.37 -6.28
C ARG A 24 0.44 -3.95 -5.51
N VAL A 25 0.10 -5.21 -5.76
CA VAL A 25 -1.03 -5.86 -5.09
C VAL A 25 -0.66 -6.29 -3.67
N VAL A 26 -1.64 -6.27 -2.77
CA VAL A 26 -1.47 -6.67 -1.38
C VAL A 26 -2.63 -7.57 -0.92
N ARG A 27 -2.45 -8.22 0.23
CA ARG A 27 -3.46 -9.13 0.76
C ARG A 27 -3.59 -8.97 2.28
N CYS A 28 -4.81 -9.13 2.78
CA CYS A 28 -5.12 -8.97 4.20
C CYS A 28 -4.54 -10.14 5.00
N ALA A 29 -4.16 -9.87 6.25
CA ALA A 29 -3.61 -10.88 7.13
C ALA A 29 -4.73 -11.71 7.78
N SER A 30 -5.96 -11.19 7.81
CA SER A 30 -7.04 -11.84 8.53
C SER A 30 -8.15 -12.36 7.62
N CYS A 31 -8.74 -11.50 6.80
CA CYS A 31 -9.88 -11.90 5.97
C CYS A 31 -9.44 -12.39 4.59
N GLY A 32 -8.15 -12.22 4.26
CA GLY A 32 -7.58 -12.77 3.04
C GLY A 32 -7.96 -11.97 1.80
N ASN A 33 -8.63 -10.82 1.99
CA ASN A 33 -9.03 -9.96 0.90
C ASN A 33 -7.79 -9.45 0.14
N ARG A 34 -7.96 -9.14 -1.15
CA ARG A 34 -6.85 -8.72 -2.01
C ARG A 34 -7.24 -7.49 -2.81
N TRP A 35 -6.32 -6.53 -2.92
CA TRP A 35 -6.55 -5.30 -3.67
C TRP A 35 -5.21 -4.66 -4.02
N THR A 36 -5.21 -3.76 -5.01
CA THR A 36 -4.00 -3.04 -5.41
C THR A 36 -3.67 -1.85 -4.51
N ALA A 37 -2.37 -1.63 -4.27
CA ALA A 37 -1.90 -0.52 -3.46
C ALA A 37 -0.88 0.30 -4.26
N PHE A 38 -0.58 1.52 -3.79
CA PHE A 38 0.37 2.40 -4.44
C PHE A 38 1.10 3.34 -3.49
N LYS A 39 2.36 3.65 -3.80
CA LYS A 39 3.17 4.54 -2.97
C LYS A 39 2.78 6.00 -3.20
N ASP A 40 2.99 6.82 -2.18
CA ASP A 40 2.64 8.24 -2.23
C ASP A 40 3.53 9.01 -1.25
N GLU A 41 4.68 8.44 -0.90
CA GLU A 41 5.61 9.04 0.04
C GLU A 41 6.32 10.24 -0.59
N ALA A 42 6.40 10.28 -1.92
CA ALA A 42 7.08 11.33 -2.64
C ALA A 42 6.56 11.42 -4.07
N GLU A 43 6.79 12.56 -4.73
CA GLU A 43 6.37 12.77 -6.10
C GLU A 43 7.26 13.82 -6.77
N LEU A 44 7.79 14.77 -6.00
CA LEU A 44 8.66 15.82 -6.51
C LEU A 44 10.12 15.36 -6.52
N GLU A 45 10.35 14.05 -6.40
CA GLU A 45 11.69 13.48 -6.41
C GLU A 45 12.58 14.14 -5.34
N LEU A 46 12.06 14.25 -4.11
CA LEU A 46 12.77 14.86 -3.01
C LEU A 46 14.04 14.08 -2.70
N VAL A 47 15.04 14.76 -2.13
CA VAL A 47 16.31 14.14 -1.78
C VAL A 47 16.09 13.16 -0.62
N PRO A 48 16.64 11.94 -0.72
CA PRO A 48 16.49 10.92 0.30
C PRO A 48 17.25 11.31 1.56
N ARG A 49 16.77 10.83 2.72
CA ARG A 49 17.40 11.12 4.00
C ARG A 49 18.68 10.32 4.15
ZN ZN B . -9.32 -7.74 5.90
N MET A 1 5.11 2.26 5.44
CA MET A 1 3.76 2.55 4.93
C MET A 1 2.71 1.69 5.64
N ILE A 2 1.46 2.16 5.67
CA ILE A 2 0.37 1.41 6.26
C ILE A 2 -0.79 1.32 5.27
N LEU A 3 -1.56 0.25 5.34
CA LEU A 3 -2.67 -0.01 4.43
C LEU A 3 -3.91 -0.42 5.22
N THR A 4 -5.09 -0.11 4.70
CA THR A 4 -6.35 -0.42 5.36
C THR A 4 -7.23 -1.39 4.56
N CYS A 5 -7.78 -2.40 5.23
CA CYS A 5 -8.67 -3.35 4.59
C CYS A 5 -10.07 -2.75 4.45
N PRO A 6 -10.70 -2.89 3.28
CA PRO A 6 -12.05 -2.40 3.06
C PRO A 6 -13.07 -3.27 3.78
N GLU A 7 -12.68 -4.49 4.19
CA GLU A 7 -13.60 -5.41 4.86
C GLU A 7 -13.36 -5.43 6.37
N CYS A 8 -12.10 -5.45 6.80
CA CYS A 8 -11.78 -5.46 8.22
C CYS A 8 -11.76 -4.05 8.79
N ALA A 9 -11.66 -3.03 7.91
CA ALA A 9 -11.62 -1.63 8.31
C ALA A 9 -10.52 -1.40 9.35
N SER A 10 -9.40 -2.12 9.20
CA SER A 10 -8.30 -2.08 10.15
C SER A 10 -6.98 -1.87 9.41
N ARG A 11 -6.04 -1.18 10.06
CA ARG A 11 -4.75 -0.85 9.46
C ARG A 11 -3.74 -1.97 9.62
N TYR A 12 -2.76 -2.01 8.72
CA TYR A 12 -1.66 -2.95 8.76
C TYR A 12 -0.38 -2.39 8.13
N PHE A 13 0.73 -2.47 8.86
CA PHE A 13 1.97 -1.83 8.45
C PHE A 13 2.94 -2.72 7.67
N VAL A 14 3.69 -2.11 6.76
CA VAL A 14 4.67 -2.81 5.94
C VAL A 14 5.76 -1.86 5.45
N ASP A 15 6.93 -2.41 5.08
CA ASP A 15 8.02 -1.61 4.55
C ASP A 15 7.66 -1.00 3.21
N ASP A 16 8.26 0.15 2.88
CA ASP A 16 7.97 0.84 1.62
C ASP A 16 8.46 0.07 0.39
N SER A 17 9.26 -0.98 0.61
CA SER A 17 9.77 -1.80 -0.49
C SER A 17 8.72 -2.77 -0.99
N LYS A 18 7.60 -2.89 -0.25
CA LYS A 18 6.51 -3.79 -0.60
C LYS A 18 5.72 -3.28 -1.81
N VAL A 19 5.86 -1.99 -2.11
CA VAL A 19 5.08 -1.34 -3.16
C VAL A 19 5.93 -0.36 -3.95
N GLY A 20 5.84 -0.41 -5.27
CA GLY A 20 6.57 0.51 -6.14
C GLY A 20 5.72 1.70 -6.53
N PRO A 21 6.27 2.62 -7.34
CA PRO A 21 5.58 3.81 -7.79
C PRO A 21 4.48 3.44 -8.78
N ASP A 22 4.59 2.27 -9.41
CA ASP A 22 3.58 1.75 -10.31
C ASP A 22 2.47 1.01 -9.57
N GLY A 23 2.58 0.89 -8.24
CA GLY A 23 1.63 0.18 -7.42
C GLY A 23 1.95 -1.31 -7.39
N ARG A 24 1.37 -2.04 -6.43
CA ARG A 24 1.60 -3.47 -6.27
C ARG A 24 0.44 -4.05 -5.47
N VAL A 25 0.00 -5.26 -5.82
CA VAL A 25 -1.10 -5.92 -5.13
C VAL A 25 -0.68 -6.39 -3.73
N VAL A 26 -1.64 -6.43 -2.80
CA VAL A 26 -1.42 -6.88 -1.43
C VAL A 26 -2.57 -7.79 -0.99
N ARG A 27 -2.44 -8.40 0.19
CA ARG A 27 -3.47 -9.31 0.71
C ARG A 27 -3.67 -9.09 2.20
N CYS A 28 -4.90 -9.31 2.65
CA CYS A 28 -5.28 -9.13 4.04
C CYS A 28 -4.94 -10.38 4.86
N ALA A 29 -4.39 -10.18 6.06
CA ALA A 29 -4.09 -11.28 6.97
C ALA A 29 -5.34 -11.69 7.74
N SER A 30 -6.42 -10.91 7.66
CA SER A 30 -7.59 -11.11 8.50
C SER A 30 -8.81 -11.62 7.72
N CYS A 31 -8.82 -11.47 6.39
CA CYS A 31 -9.93 -11.99 5.60
C CYS A 31 -9.50 -12.48 4.20
N GLY A 32 -8.22 -12.31 3.85
CA GLY A 32 -7.68 -12.84 2.61
C GLY A 32 -8.05 -11.99 1.40
N ASN A 33 -8.74 -10.86 1.64
CA ASN A 33 -9.10 -9.93 0.58
C ASN A 33 -7.83 -9.36 -0.06
N ARG A 34 -7.92 -8.96 -1.34
CA ARG A 34 -6.77 -8.42 -2.06
C ARG A 34 -7.15 -7.18 -2.85
N TRP A 35 -6.19 -6.27 -3.03
CA TRP A 35 -6.38 -5.05 -3.79
C TRP A 35 -5.01 -4.47 -4.16
N THR A 36 -4.99 -3.57 -5.16
CA THR A 36 -3.76 -2.90 -5.55
C THR A 36 -3.39 -1.75 -4.63
N ALA A 37 -2.20 -1.79 -4.04
CA ALA A 37 -1.70 -0.75 -3.17
C ALA A 37 -0.82 0.22 -3.97
N PHE A 38 -0.63 1.43 -3.43
CA PHE A 38 0.24 2.43 -4.03
C PHE A 38 0.81 3.40 -3.01
N LYS A 39 2.04 3.89 -3.27
CA LYS A 39 2.70 4.80 -2.35
C LYS A 39 2.03 6.18 -2.41
N ASP A 40 1.92 6.84 -1.26
CA ASP A 40 1.28 8.15 -1.19
C ASP A 40 1.75 8.90 0.07
N GLU A 41 2.43 8.20 0.99
CA GLU A 41 2.93 8.82 2.22
C GLU A 41 4.07 9.77 1.94
N ALA A 42 4.70 9.65 0.76
CA ALA A 42 5.85 10.47 0.41
C ALA A 42 6.05 10.46 -1.11
N GLU A 43 6.88 11.38 -1.60
CA GLU A 43 7.16 11.50 -3.03
C GLU A 43 8.57 12.08 -3.22
N LEU A 44 9.19 11.80 -4.38
CA LEU A 44 10.55 12.22 -4.66
C LEU A 44 10.63 13.74 -4.86
N GLU A 45 9.49 14.43 -4.81
CA GLU A 45 9.44 15.88 -4.96
C GLU A 45 9.73 16.58 -3.63
N LEU A 46 10.10 15.82 -2.59
CA LEU A 46 10.41 16.38 -1.29
C LEU A 46 11.64 17.28 -1.33
N VAL A 47 11.77 18.15 -0.33
CA VAL A 47 12.89 19.09 -0.25
C VAL A 47 14.21 18.37 0.04
N PRO A 48 15.34 18.91 -0.41
CA PRO A 48 16.65 18.36 -0.19
C PRO A 48 17.06 18.46 1.28
N ARG A 49 18.05 17.67 1.69
CA ARG A 49 18.53 17.65 3.07
C ARG A 49 19.99 17.22 3.10
ZN ZN B . -9.53 -7.89 5.69
N MET A 1 4.58 3.72 4.90
CA MET A 1 3.12 3.92 4.78
C MET A 1 2.35 2.79 5.47
N ILE A 2 1.02 2.91 5.51
CA ILE A 2 0.16 1.89 6.07
C ILE A 2 -1.08 1.74 5.19
N LEU A 3 -1.68 0.55 5.20
CA LEU A 3 -2.83 0.24 4.34
C LEU A 3 -4.01 -0.19 5.18
N THR A 4 -5.23 0.08 4.69
CA THR A 4 -6.47 -0.29 5.36
C THR A 4 -7.29 -1.30 4.60
N CYS A 5 -7.83 -2.30 5.31
CA CYS A 5 -8.64 -3.34 4.69
C CYS A 5 -10.04 -2.81 4.37
N PRO A 6 -10.56 -3.05 3.16
CA PRO A 6 -11.92 -2.70 2.78
C PRO A 6 -12.95 -3.46 3.61
N GLU A 7 -12.54 -4.57 4.24
CA GLU A 7 -13.47 -5.43 4.96
C GLU A 7 -13.24 -5.40 6.47
N CYS A 8 -11.97 -5.42 6.90
CA CYS A 8 -11.66 -5.38 8.33
C CYS A 8 -11.73 -3.94 8.85
N ALA A 9 -11.69 -2.96 7.93
CA ALA A 9 -11.73 -1.54 8.27
C ALA A 9 -10.63 -1.19 9.29
N SER A 10 -9.55 -1.98 9.28
CA SER A 10 -8.44 -1.81 10.22
C SER A 10 -7.14 -1.64 9.45
N ARG A 11 -6.15 -0.99 10.07
CA ARG A 11 -4.89 -0.71 9.42
C ARG A 11 -3.92 -1.88 9.55
N TYR A 12 -2.99 -1.96 8.60
CA TYR A 12 -1.95 -2.99 8.58
C TYR A 12 -0.70 -2.52 7.86
N PHE A 13 0.48 -2.85 8.40
CA PHE A 13 1.73 -2.28 7.92
C PHE A 13 2.67 -3.26 7.22
N VAL A 14 3.45 -2.75 6.27
CA VAL A 14 4.44 -3.51 5.52
C VAL A 14 5.65 -2.62 5.25
N ASP A 15 6.77 -3.23 4.87
CA ASP A 15 7.96 -2.47 4.52
C ASP A 15 7.69 -1.68 3.23
N ASP A 16 8.20 -0.44 3.16
CA ASP A 16 7.97 0.43 2.02
C ASP A 16 8.60 -0.09 0.73
N SER A 17 9.41 -1.15 0.82
CA SER A 17 10.04 -1.76 -0.34
C SER A 17 9.08 -2.71 -1.06
N LYS A 18 7.98 -3.08 -0.39
CA LYS A 18 7.00 -4.02 -0.93
C LYS A 18 6.11 -3.37 -1.98
N VAL A 19 6.16 -2.04 -2.10
CA VAL A 19 5.32 -1.30 -3.04
C VAL A 19 6.11 -0.15 -3.68
N GLY A 20 5.77 0.18 -4.93
CA GLY A 20 6.42 1.26 -5.64
C GLY A 20 5.39 2.24 -6.21
N PRO A 21 5.86 3.24 -6.97
CA PRO A 21 5.02 4.25 -7.58
C PRO A 21 4.21 3.63 -8.72
N ASP A 22 4.65 2.49 -9.25
CA ASP A 22 3.91 1.76 -10.26
C ASP A 22 2.78 0.93 -9.65
N GLY A 23 2.70 0.90 -8.32
CA GLY A 23 1.69 0.16 -7.61
C GLY A 23 2.05 -1.31 -7.47
N ARG A 24 1.42 -1.99 -6.51
CA ARG A 24 1.65 -3.40 -6.25
C ARG A 24 0.46 -3.96 -5.48
N VAL A 25 0.09 -5.21 -5.77
CA VAL A 25 -1.04 -5.84 -5.10
C VAL A 25 -0.68 -6.28 -3.67
N VAL A 26 -1.68 -6.29 -2.78
CA VAL A 26 -1.51 -6.71 -1.39
C VAL A 26 -2.66 -7.62 -0.96
N ARG A 27 -2.49 -8.30 0.19
CA ARG A 27 -3.50 -9.22 0.69
C ARG A 27 -3.64 -9.08 2.21
N CYS A 28 -4.89 -9.19 2.69
CA CYS A 28 -5.21 -9.04 4.10
C CYS A 28 -4.79 -10.27 4.90
N ALA A 29 -4.18 -10.04 6.06
CA ALA A 29 -3.81 -11.12 6.97
C ALA A 29 -5.02 -11.55 7.82
N SER A 30 -6.11 -10.78 7.77
CA SER A 30 -7.23 -11.00 8.66
C SER A 30 -8.49 -11.53 7.95
N CYS A 31 -8.56 -11.41 6.62
CA CYS A 31 -9.71 -11.94 5.88
C CYS A 31 -9.34 -12.41 4.47
N GLY A 32 -8.08 -12.25 4.07
CA GLY A 32 -7.58 -12.80 2.81
C GLY A 32 -8.00 -11.97 1.60
N ASN A 33 -8.65 -10.83 1.85
CA ASN A 33 -9.07 -9.93 0.79
C ASN A 33 -7.84 -9.42 0.02
N ARG A 34 -8.01 -9.08 -1.25
CA ARG A 34 -6.90 -8.71 -2.13
C ARG A 34 -7.27 -7.50 -2.98
N TRP A 35 -6.34 -6.53 -3.07
CA TRP A 35 -6.56 -5.31 -3.84
C TRP A 35 -5.21 -4.66 -4.14
N THR A 36 -5.19 -3.76 -5.13
CA THR A 36 -3.98 -3.03 -5.50
C THR A 36 -3.65 -1.87 -4.56
N ALA A 37 -2.36 -1.69 -4.27
CA ALA A 37 -1.88 -0.60 -3.42
C ALA A 37 -0.83 0.21 -4.17
N PHE A 38 -0.50 1.39 -3.65
CA PHE A 38 0.51 2.26 -4.26
C PHE A 38 1.26 3.14 -3.27
N LYS A 39 2.51 3.45 -3.59
CA LYS A 39 3.35 4.28 -2.73
C LYS A 39 2.91 5.75 -2.78
N ASP A 40 3.18 6.47 -1.69
CA ASP A 40 2.81 7.88 -1.59
C ASP A 40 3.84 8.61 -0.70
N GLU A 41 4.97 7.94 -0.44
CA GLU A 41 6.03 8.51 0.40
C GLU A 41 6.80 9.59 -0.37
N ALA A 42 6.69 9.59 -1.69
CA ALA A 42 7.44 10.51 -2.53
C ALA A 42 6.77 10.64 -3.90
N GLU A 43 7.16 11.67 -4.66
CA GLU A 43 6.60 11.92 -5.99
C GLU A 43 7.61 12.69 -6.84
N LEU A 44 7.56 12.52 -8.16
CA LEU A 44 8.47 13.16 -9.09
C LEU A 44 8.23 14.68 -9.14
N GLU A 45 9.19 15.42 -9.66
CA GLU A 45 9.12 16.87 -9.76
C GLU A 45 9.93 17.36 -10.95
N LEU A 46 9.41 18.36 -11.68
CA LEU A 46 10.04 18.89 -12.88
C LEU A 46 10.41 17.76 -13.85
N VAL A 47 9.44 16.89 -14.15
CA VAL A 47 9.67 15.72 -14.99
C VAL A 47 10.11 16.02 -16.43
N PRO A 48 9.86 17.22 -17.00
CA PRO A 48 10.38 17.58 -18.31
C PRO A 48 11.91 17.64 -18.32
N ARG A 49 12.54 17.52 -17.15
CA ARG A 49 13.99 17.54 -17.01
C ARG A 49 14.63 16.39 -17.78
ZN ZN B . -9.39 -7.85 5.91
N MET A 1 4.57 3.32 5.02
CA MET A 1 3.12 3.59 4.92
C MET A 1 2.31 2.45 5.52
N ILE A 2 0.99 2.63 5.60
CA ILE A 2 0.09 1.62 6.13
C ILE A 2 -1.17 1.59 5.26
N LEU A 3 -1.84 0.44 5.21
CA LEU A 3 -2.99 0.23 4.34
C LEU A 3 -4.19 -0.22 5.16
N THR A 4 -5.40 0.13 4.69
CA THR A 4 -6.65 -0.25 5.37
C THR A 4 -7.47 -1.26 4.59
N CYS A 5 -7.99 -2.27 5.28
CA CYS A 5 -8.83 -3.30 4.67
C CYS A 5 -10.25 -2.75 4.49
N PRO A 6 -10.86 -2.95 3.32
CA PRO A 6 -12.23 -2.55 3.07
C PRO A 6 -13.22 -3.47 3.79
N GLU A 7 -12.76 -4.63 4.25
CA GLU A 7 -13.63 -5.60 4.92
C GLU A 7 -13.42 -5.56 6.44
N CYS A 8 -12.16 -5.53 6.88
CA CYS A 8 -11.86 -5.49 8.31
C CYS A 8 -11.94 -4.07 8.84
N ALA A 9 -11.89 -3.08 7.94
CA ALA A 9 -11.92 -1.67 8.32
C ALA A 9 -10.85 -1.36 9.35
N SER A 10 -9.69 -2.03 9.21
CA SER A 10 -8.60 -1.94 10.15
C SER A 10 -7.29 -1.79 9.39
N ARG A 11 -6.25 -1.26 10.05
CA ARG A 11 -4.98 -0.97 9.41
C ARG A 11 -4.07 -2.20 9.40
N TYR A 12 -3.17 -2.23 8.41
CA TYR A 12 -2.18 -3.28 8.25
C TYR A 12 -0.92 -2.77 7.56
N PHE A 13 0.25 -3.15 8.07
CA PHE A 13 1.52 -2.58 7.62
C PHE A 13 2.37 -3.51 6.77
N VAL A 14 3.14 -2.91 5.85
CA VAL A 14 4.08 -3.61 4.98
C VAL A 14 5.34 -2.78 4.81
N ASP A 15 6.42 -3.40 4.36
CA ASP A 15 7.67 -2.70 4.10
C ASP A 15 7.54 -1.73 2.93
N ASP A 16 8.28 -0.62 2.98
CA ASP A 16 8.22 0.38 1.92
C ASP A 16 8.83 -0.13 0.61
N SER A 17 9.48 -1.29 0.65
CA SER A 17 10.06 -1.91 -0.54
C SER A 17 9.07 -2.86 -1.21
N LYS A 18 7.94 -3.15 -0.53
CA LYS A 18 6.93 -4.05 -1.05
C LYS A 18 6.09 -3.36 -2.13
N VAL A 19 6.14 -2.03 -2.19
CA VAL A 19 5.35 -1.25 -3.14
C VAL A 19 6.17 -0.12 -3.75
N GLY A 20 5.86 0.23 -5.01
CA GLY A 20 6.53 1.30 -5.71
C GLY A 20 5.52 2.30 -6.28
N PRO A 21 5.99 3.26 -7.08
CA PRO A 21 5.16 4.27 -7.72
C PRO A 21 4.30 3.63 -8.81
N ASP A 22 4.73 2.47 -9.32
CA ASP A 22 3.96 1.70 -10.30
C ASP A 22 2.84 0.90 -9.66
N GLY A 23 2.80 0.89 -8.32
CA GLY A 23 1.80 0.17 -7.56
C GLY A 23 2.11 -1.33 -7.47
N ARG A 24 1.51 -2.00 -6.49
CA ARG A 24 1.67 -3.43 -6.28
C ARG A 24 0.50 -3.95 -5.45
N VAL A 25 0.08 -5.19 -5.69
CA VAL A 25 -1.02 -5.79 -4.96
C VAL A 25 -0.60 -6.21 -3.54
N VAL A 26 -1.56 -6.19 -2.61
CA VAL A 26 -1.35 -6.62 -1.23
C VAL A 26 -2.46 -7.56 -0.77
N ARG A 27 -2.28 -8.16 0.42
CA ARG A 27 -3.26 -9.10 0.96
C ARG A 27 -3.50 -8.82 2.44
N CYS A 28 -4.72 -9.10 2.91
CA CYS A 28 -5.11 -8.89 4.29
C CYS A 28 -4.69 -10.06 5.17
N ALA A 29 -4.17 -9.75 6.36
CA ALA A 29 -3.81 -10.77 7.33
C ALA A 29 -5.03 -11.26 8.11
N SER A 30 -6.17 -10.57 7.97
CA SER A 30 -7.34 -10.83 8.79
C SER A 30 -8.51 -11.43 8.02
N CYS A 31 -8.51 -11.34 6.68
CA CYS A 31 -9.59 -11.94 5.89
C CYS A 31 -9.12 -12.44 4.51
N GLY A 32 -7.85 -12.21 4.16
CA GLY A 32 -7.26 -12.75 2.94
C GLY A 32 -7.69 -11.94 1.71
N ASN A 33 -8.42 -10.85 1.91
CA ASN A 33 -8.84 -9.96 0.83
C ASN A 33 -7.60 -9.35 0.17
N ARG A 34 -7.72 -8.98 -1.11
CA ARG A 34 -6.59 -8.43 -1.86
C ARG A 34 -7.02 -7.21 -2.67
N TRP A 35 -6.12 -6.24 -2.82
CA TRP A 35 -6.36 -5.03 -3.59
C TRP A 35 -5.03 -4.40 -3.97
N THR A 36 -5.04 -3.53 -4.98
CA THR A 36 -3.84 -2.83 -5.40
C THR A 36 -3.45 -1.67 -4.48
N ALA A 37 -2.16 -1.55 -4.19
CA ALA A 37 -1.63 -0.48 -3.36
C ALA A 37 -0.62 0.35 -4.15
N PHE A 38 -0.29 1.54 -3.64
CA PHE A 38 0.70 2.40 -4.27
C PHE A 38 1.46 3.28 -3.28
N LYS A 39 2.73 3.58 -3.59
CA LYS A 39 3.58 4.37 -2.71
C LYS A 39 3.12 5.83 -2.68
N ASP A 40 3.37 6.50 -1.56
CA ASP A 40 2.97 7.89 -1.35
C ASP A 40 3.95 8.56 -0.40
N GLU A 41 5.10 7.92 -0.16
CA GLU A 41 6.12 8.44 0.76
C GLU A 41 6.82 9.66 0.17
N ALA A 42 6.78 9.81 -1.15
CA ALA A 42 7.49 10.90 -1.81
C ALA A 42 6.87 11.21 -3.18
N GLU A 43 5.60 10.79 -3.37
CA GLU A 43 4.90 11.01 -4.63
C GLU A 43 4.43 12.46 -4.74
N LEU A 44 4.33 13.15 -3.59
CA LEU A 44 3.90 14.54 -3.54
C LEU A 44 4.97 15.46 -4.14
N GLU A 45 4.54 16.55 -4.77
CA GLU A 45 5.44 17.51 -5.39
C GLU A 45 4.78 18.89 -5.40
N LEU A 46 5.59 19.95 -5.28
CA LEU A 46 5.09 21.32 -5.23
C LEU A 46 4.50 21.72 -6.58
N VAL A 47 3.57 22.68 -6.55
CA VAL A 47 2.92 23.18 -7.76
C VAL A 47 3.91 23.98 -8.62
N PRO A 48 3.64 24.09 -9.93
CA PRO A 48 4.47 24.86 -10.86
C PRO A 48 4.63 26.31 -10.41
N ARG A 49 5.71 26.95 -10.86
CA ARG A 49 6.01 28.33 -10.52
C ARG A 49 6.86 28.97 -11.61
ZN ZN B . -9.43 -7.84 5.88
N MET A 1 5.37 1.86 5.66
CA MET A 1 4.15 1.83 4.82
C MET A 1 3.01 1.16 5.58
N ILE A 2 1.79 1.70 5.43
CA ILE A 2 0.61 1.11 6.05
C ILE A 2 -0.55 1.14 5.07
N LEU A 3 -1.42 0.12 5.12
CA LEU A 3 -2.54 -0.01 4.21
C LEU A 3 -3.81 -0.35 4.99
N THR A 4 -4.97 0.11 4.48
CA THR A 4 -6.26 -0.19 5.08
C THR A 4 -7.05 -1.27 4.33
N CYS A 5 -7.62 -2.23 5.04
CA CYS A 5 -8.40 -3.29 4.43
C CYS A 5 -9.79 -2.77 4.06
N PRO A 6 -10.26 -3.06 2.84
CA PRO A 6 -11.61 -2.72 2.40
C PRO A 6 -12.68 -3.45 3.23
N GLU A 7 -12.30 -4.50 3.95
CA GLU A 7 -13.25 -5.33 4.68
C GLU A 7 -13.06 -5.23 6.19
N CYS A 8 -11.80 -5.25 6.66
CA CYS A 8 -11.52 -5.15 8.08
C CYS A 8 -11.61 -3.69 8.53
N ALA A 9 -11.56 -2.76 7.57
CA ALA A 9 -11.63 -1.33 7.83
C ALA A 9 -10.60 -0.93 8.88
N SER A 10 -9.43 -1.56 8.83
CA SER A 10 -8.39 -1.35 9.82
C SER A 10 -7.03 -1.30 9.14
N ARG A 11 -6.06 -0.66 9.78
CA ARG A 11 -4.72 -0.46 9.21
C ARG A 11 -3.82 -1.66 9.47
N TYR A 12 -2.87 -1.88 8.58
CA TYR A 12 -1.88 -2.94 8.70
C TYR A 12 -0.57 -2.57 8.01
N PHE A 13 0.56 -2.77 8.70
CA PHE A 13 1.85 -2.28 8.23
C PHE A 13 2.69 -3.29 7.45
N VAL A 14 3.49 -2.77 6.52
CA VAL A 14 4.37 -3.56 5.67
C VAL A 14 5.65 -2.76 5.39
N ASP A 15 6.70 -3.44 4.91
CA ASP A 15 7.94 -2.79 4.56
C ASP A 15 7.69 -1.85 3.36
N ASP A 16 8.47 -0.78 3.26
CA ASP A 16 8.27 0.24 2.24
C ASP A 16 8.60 -0.33 0.85
N SER A 17 9.24 -1.50 0.81
CA SER A 17 9.61 -2.14 -0.45
C SER A 17 8.45 -2.94 -1.03
N LYS A 18 7.38 -3.15 -0.23
CA LYS A 18 6.24 -3.95 -0.66
C LYS A 18 5.31 -3.14 -1.58
N VAL A 19 5.57 -1.84 -1.70
CA VAL A 19 4.75 -0.96 -2.54
C VAL A 19 5.63 0.03 -3.30
N GLY A 20 5.26 0.34 -4.54
CA GLY A 20 5.99 1.30 -5.36
C GLY A 20 5.05 2.36 -5.94
N PRO A 21 5.60 3.30 -6.71
CA PRO A 21 4.85 4.38 -7.32
C PRO A 21 3.98 3.85 -8.46
N ASP A 22 4.38 2.71 -9.05
CA ASP A 22 3.60 2.04 -10.07
C ASP A 22 2.50 1.18 -9.48
N GLY A 23 2.44 1.10 -8.14
CA GLY A 23 1.46 0.31 -7.43
C GLY A 23 1.87 -1.16 -7.36
N ARG A 24 1.28 -1.89 -6.42
CA ARG A 24 1.54 -3.31 -6.21
C ARG A 24 0.37 -3.94 -5.47
N VAL A 25 0.05 -5.19 -5.80
CA VAL A 25 -1.05 -5.90 -5.15
C VAL A 25 -0.66 -6.38 -3.76
N VAL A 26 -1.63 -6.42 -2.84
CA VAL A 26 -1.42 -6.84 -1.47
C VAL A 26 -2.56 -7.74 -0.99
N ARG A 27 -2.36 -8.42 0.14
CA ARG A 27 -3.38 -9.32 0.68
C ARG A 27 -3.50 -9.16 2.19
N CYS A 28 -4.73 -9.26 2.69
CA CYS A 28 -5.06 -9.04 4.08
C CYS A 28 -4.63 -10.23 4.94
N ALA A 29 -4.02 -9.95 6.09
CA ALA A 29 -3.67 -10.97 7.05
C ALA A 29 -4.87 -11.38 7.91
N SER A 30 -5.97 -10.63 7.83
CA SER A 30 -7.10 -10.80 8.74
C SER A 30 -8.35 -11.36 8.04
N CYS A 31 -8.43 -11.26 6.71
CA CYS A 31 -9.58 -11.83 5.99
C CYS A 31 -9.21 -12.37 4.59
N GLY A 32 -7.94 -12.23 4.19
CA GLY A 32 -7.43 -12.84 2.96
C GLY A 32 -7.86 -12.05 1.73
N ASN A 33 -8.52 -10.90 1.91
CA ASN A 33 -8.93 -10.04 0.83
C ASN A 33 -7.71 -9.56 0.05
N ARG A 34 -7.89 -9.26 -1.25
CA ARG A 34 -6.79 -8.86 -2.13
C ARG A 34 -7.21 -7.67 -2.99
N TRP A 35 -6.31 -6.69 -3.10
CA TRP A 35 -6.57 -5.48 -3.89
C TRP A 35 -5.23 -4.79 -4.20
N THR A 36 -5.25 -3.90 -5.20
CA THR A 36 -4.05 -3.14 -5.56
C THR A 36 -3.78 -1.96 -4.63
N ALA A 37 -2.51 -1.74 -4.29
CA ALA A 37 -2.09 -0.66 -3.42
C ALA A 37 -1.11 0.24 -4.16
N PHE A 38 -0.88 1.44 -3.63
CA PHE A 38 0.05 2.39 -4.21
C PHE A 38 0.75 3.28 -3.18
N LYS A 39 2.00 3.66 -3.47
CA LYS A 39 2.80 4.42 -2.51
C LYS A 39 2.32 5.86 -2.40
N ASP A 40 2.46 6.43 -1.20
CA ASP A 40 2.06 7.80 -0.92
C ASP A 40 2.88 8.34 0.27
N GLU A 41 3.65 7.47 0.93
CA GLU A 41 4.49 7.85 2.05
C GLU A 41 5.70 8.66 1.56
N ALA A 42 6.02 8.54 0.27
CA ALA A 42 7.15 9.22 -0.34
C ALA A 42 6.93 9.38 -1.84
N GLU A 43 7.72 10.24 -2.48
CA GLU A 43 7.60 10.49 -3.91
C GLU A 43 8.97 10.87 -4.52
N LEU A 44 9.94 11.23 -3.67
CA LEU A 44 11.28 11.60 -4.10
C LEU A 44 11.22 12.67 -5.21
N GLU A 45 10.77 13.87 -4.85
CA GLU A 45 10.67 14.98 -5.79
C GLU A 45 12.04 15.54 -6.16
N LEU A 46 13.11 15.03 -5.51
CA LEU A 46 14.46 15.46 -5.77
C LEU A 46 14.91 14.97 -7.15
N VAL A 47 15.90 15.66 -7.74
CA VAL A 47 16.45 15.28 -9.03
C VAL A 47 17.22 13.96 -8.93
N PRO A 48 17.25 13.17 -10.02
CA PRO A 48 17.96 11.90 -10.06
C PRO A 48 19.47 12.09 -10.14
N ARG A 49 19.93 13.33 -10.36
CA ARG A 49 21.35 13.64 -10.47
C ARG A 49 22.06 13.44 -9.13
ZN ZN B . -9.23 -7.75 5.83
#